data_6PSH
# 
_entry.id   6PSH 
# 
_audit_conform.dict_name       mmcif_pdbx.dic 
_audit_conform.dict_version    5.397 
_audit_conform.dict_location   http://mmcif.pdb.org/dictionaries/ascii/mmcif_pdbx.dic 
# 
loop_
_database_2.database_id 
_database_2.database_code 
_database_2.pdbx_database_accession 
_database_2.pdbx_DOI 
PDB   6PSH         pdb_00006psh 10.2210/pdb6psh/pdb 
WWPDB D_1000242966 ?            ?                   
# 
loop_
_pdbx_audit_revision_history.ordinal 
_pdbx_audit_revision_history.data_content_type 
_pdbx_audit_revision_history.major_revision 
_pdbx_audit_revision_history.minor_revision 
_pdbx_audit_revision_history.revision_date 
1 'Structure model' 1 0 2020-06-24 
2 'Structure model' 1 1 2020-07-01 
3 'Structure model' 1 2 2020-08-12 
4 'Structure model' 1 3 2024-10-30 
# 
_pdbx_audit_revision_details.ordinal             1 
_pdbx_audit_revision_details.revision_ordinal    1 
_pdbx_audit_revision_details.data_content_type   'Structure model' 
_pdbx_audit_revision_details.provider            repository 
_pdbx_audit_revision_details.type                'Initial release' 
_pdbx_audit_revision_details.description         ? 
_pdbx_audit_revision_details.details             ? 
# 
loop_
_pdbx_audit_revision_group.ordinal 
_pdbx_audit_revision_group.revision_ordinal 
_pdbx_audit_revision_group.data_content_type 
_pdbx_audit_revision_group.group 
1 2 'Structure model' 'Database references' 
2 3 'Structure model' 'Database references' 
3 4 'Structure model' 'Data collection'     
4 4 'Structure model' 'Database references' 
5 4 'Structure model' 'Structure summary'   
# 
loop_
_pdbx_audit_revision_category.ordinal 
_pdbx_audit_revision_category.revision_ordinal 
_pdbx_audit_revision_category.data_content_type 
_pdbx_audit_revision_category.category 
1 2 'Structure model' citation                  
2 2 'Structure model' citation_author           
3 3 'Structure model' citation                  
4 3 'Structure model' citation_author           
5 4 'Structure model' chem_comp_atom            
6 4 'Structure model' chem_comp_bond            
7 4 'Structure model' database_2                
8 4 'Structure model' pdbx_entry_details        
9 4 'Structure model' pdbx_modification_feature 
# 
loop_
_pdbx_audit_revision_item.ordinal 
_pdbx_audit_revision_item.revision_ordinal 
_pdbx_audit_revision_item.data_content_type 
_pdbx_audit_revision_item.item 
1  2 'Structure model' '_citation.pdbx_database_id_PubMed'            
2  2 'Structure model' '_citation.title'                              
3  2 'Structure model' '_citation_author.identifier_ORCID'            
4  2 'Structure model' '_citation_author.name'                        
5  3 'Structure model' '_citation.journal_volume'                     
6  3 'Structure model' '_citation.page_first'                         
7  3 'Structure model' '_citation.page_last'                          
8  3 'Structure model' '_citation_author.name'                        
9  4 'Structure model' '_database_2.pdbx_DOI'                         
10 4 'Structure model' '_database_2.pdbx_database_accession'          
11 4 'Structure model' '_pdbx_entry_details.has_protein_modification' 
# 
_pdbx_database_status.status_code                     REL 
_pdbx_database_status.status_code_sf                  REL 
_pdbx_database_status.status_code_mr                  ? 
_pdbx_database_status.entry_id                        6PSH 
_pdbx_database_status.recvd_initial_deposition_date   2019-07-12 
_pdbx_database_status.SG_entry                        N 
_pdbx_database_status.deposit_site                    RCSB 
_pdbx_database_status.process_site                    RCSB 
_pdbx_database_status.status_code_cs                  ? 
_pdbx_database_status.methods_development_category    FoldIt 
_pdbx_database_status.pdb_format_compatible           Y 
_pdbx_database_status.status_code_nmr_data            ? 
# 
loop_
_audit_author.name 
_audit_author.pdbx_ordinal 
_audit_author.identifier_ORCID 
'Kuznetsov, V.B.'   1 0000-0002-5867-7984 
'Krieger, I.V.'     2 0000-0001-7144-3069 
'Sacchettini, J.C.' 3 0000-0001-5767-2367 
# 
_citation.abstract                  ? 
_citation.abstract_id_CAS           ? 
_citation.book_id_ISBN              ? 
_citation.book_publisher            ? 
_citation.book_publisher_city       ? 
_citation.book_title                ? 
_citation.coordinate_linkage        ? 
_citation.country                   UK 
_citation.database_id_Medline       ? 
_citation.details                   ? 
_citation.id                        primary 
_citation.journal_abbrev            J.Mol.Biol. 
_citation.journal_id_ASTM           JMOBAK 
_citation.journal_id_CSD            0070 
_citation.journal_id_ISSN           1089-8638 
_citation.journal_full              ? 
_citation.journal_issue             ? 
_citation.journal_volume            432 
_citation.language                  ? 
_citation.page_first                4623 
_citation.page_last                 4636 
_citation.title                     'The Structural Basis of T4 Phage Lysis Control: DNA as the Signal for Lysis Inhibition.' 
_citation.year                      2020 
_citation.database_id_CSD           ? 
_citation.pdbx_database_id_DOI      10.1016/j.jmb.2020.06.013 
_citation.pdbx_database_id_PubMed   32562709 
_citation.unpublished_flag          ? 
# 
loop_
_citation_author.citation_id 
_citation_author.name 
_citation_author.ordinal 
_citation_author.identifier_ORCID 
primary 'Krieger, I.V.'     1 ? 
primary 'Kuznetsov, V.'     2 ? 
primary 'Chang, J.Y.'       3 ? 
primary 'Zhang, J.'         4 ? 
primary 'Moussa, S.H.'      5 ? 
primary 'Young, R.F.'       6 ? 
primary 'Sacchettini, J.C.' 7 ? 
# 
loop_
_entity.id 
_entity.type 
_entity.src_method 
_entity.pdbx_description 
_entity.formula_weight 
_entity.pdbx_number_of_molecules 
_entity.pdbx_ec 
_entity.pdbx_mutation 
_entity.pdbx_fragment 
_entity.details 
1 polymer     man Antiholin      10328.606 1  ? ? ? ? 
2 non-polymer nat 1,2-ETHANEDIOL 62.068    1  ? ? ? ? 
3 water       nat water          18.015    10 ? ? ? ? 
# 
_entity_name_com.entity_id   1 
_entity_name_com.name        'Protein rI' 
# 
_entity_poly.entity_id                      1 
_entity_poly.type                           'polypeptide(L)' 
_entity_poly.nstd_linkage                   no 
_entity_poly.nstd_monomer                   no 
_entity_poly.pdbx_seq_one_letter_code       
;MNVDPHFDKFMESGIRHVYMLFENKSVESSEQFYSFMRTTYKNDPCSSDFECIERGAEMAQSYARIMNIKLETEKLAAAL
EHHHHHH
;
_entity_poly.pdbx_seq_one_letter_code_can   
;MNVDPHFDKFMESGIRHVYMLFENKSVESSEQFYSFMRTTYKNDPCSSDFECIERGAEMAQSYARIMNIKLETEKLAAAL
EHHHHHH
;
_entity_poly.pdbx_strand_id                 A 
_entity_poly.pdbx_target_identifier         ? 
# 
loop_
_pdbx_entity_nonpoly.entity_id 
_pdbx_entity_nonpoly.name 
_pdbx_entity_nonpoly.comp_id 
2 1,2-ETHANEDIOL EDO 
3 water          HOH 
# 
loop_
_entity_poly_seq.entity_id 
_entity_poly_seq.num 
_entity_poly_seq.mon_id 
_entity_poly_seq.hetero 
1 1  MET n 
1 2  ASN n 
1 3  VAL n 
1 4  ASP n 
1 5  PRO n 
1 6  HIS n 
1 7  PHE n 
1 8  ASP n 
1 9  LYS n 
1 10 PHE n 
1 11 MET n 
1 12 GLU n 
1 13 SER n 
1 14 GLY n 
1 15 ILE n 
1 16 ARG n 
1 17 HIS n 
1 18 VAL n 
1 19 TYR n 
1 20 MET n 
1 21 LEU n 
1 22 PHE n 
1 23 GLU n 
1 24 ASN n 
1 25 LYS n 
1 26 SER n 
1 27 VAL n 
1 28 GLU n 
1 29 SER n 
1 30 SER n 
1 31 GLU n 
1 32 GLN n 
1 33 PHE n 
1 34 TYR n 
1 35 SER n 
1 36 PHE n 
1 37 MET n 
1 38 ARG n 
1 39 THR n 
1 40 THR n 
1 41 TYR n 
1 42 LYS n 
1 43 ASN n 
1 44 ASP n 
1 45 PRO n 
1 46 CYS n 
1 47 SER n 
1 48 SER n 
1 49 ASP n 
1 50 PHE n 
1 51 GLU n 
1 52 CYS n 
1 53 ILE n 
1 54 GLU n 
1 55 ARG n 
1 56 GLY n 
1 57 ALA n 
1 58 GLU n 
1 59 MET n 
1 60 ALA n 
1 61 GLN n 
1 62 SER n 
1 63 TYR n 
1 64 ALA n 
1 65 ARG n 
1 66 ILE n 
1 67 MET n 
1 68 ASN n 
1 69 ILE n 
1 70 LYS n 
1 71 LEU n 
1 72 GLU n 
1 73 THR n 
1 74 GLU n 
1 75 LYS n 
1 76 LEU n 
1 77 ALA n 
1 78 ALA n 
1 79 ALA n 
1 80 LEU n 
1 81 GLU n 
1 82 HIS n 
1 83 HIS n 
1 84 HIS n 
1 85 HIS n 
1 86 HIS n 
1 87 HIS n 
# 
_entity_src_gen.entity_id                          1 
_entity_src_gen.pdbx_src_id                        1 
_entity_src_gen.pdbx_alt_source_flag               sample 
_entity_src_gen.pdbx_seq_type                      'Biological sequence' 
_entity_src_gen.pdbx_beg_seq_num                   1 
_entity_src_gen.pdbx_end_seq_num                   87 
_entity_src_gen.gene_src_common_name               ? 
_entity_src_gen.gene_src_genus                     ? 
_entity_src_gen.pdbx_gene_src_gene                 'rI, 58.6, rIA, tk.-2' 
_entity_src_gen.gene_src_species                   ? 
_entity_src_gen.gene_src_strain                    ? 
_entity_src_gen.gene_src_tissue                    ? 
_entity_src_gen.gene_src_tissue_fraction           ? 
_entity_src_gen.gene_src_details                   ? 
_entity_src_gen.pdbx_gene_src_fragment             ? 
_entity_src_gen.pdbx_gene_src_scientific_name      'Enterobacteria phage T4' 
_entity_src_gen.pdbx_gene_src_ncbi_taxonomy_id     10665 
_entity_src_gen.pdbx_gene_src_variant              ? 
_entity_src_gen.pdbx_gene_src_cell_line            ? 
_entity_src_gen.pdbx_gene_src_atcc                 ? 
_entity_src_gen.pdbx_gene_src_organ                ? 
_entity_src_gen.pdbx_gene_src_organelle            ? 
_entity_src_gen.pdbx_gene_src_cell                 ? 
_entity_src_gen.pdbx_gene_src_cellular_location    ? 
_entity_src_gen.host_org_common_name               ? 
_entity_src_gen.pdbx_host_org_scientific_name      'Escherichia coli' 
_entity_src_gen.pdbx_host_org_ncbi_taxonomy_id     562 
_entity_src_gen.host_org_genus                     ? 
_entity_src_gen.pdbx_host_org_gene                 ? 
_entity_src_gen.pdbx_host_org_organ                ? 
_entity_src_gen.host_org_species                   ? 
_entity_src_gen.pdbx_host_org_tissue               ? 
_entity_src_gen.pdbx_host_org_tissue_fraction      ? 
_entity_src_gen.pdbx_host_org_strain               ? 
_entity_src_gen.pdbx_host_org_variant              ? 
_entity_src_gen.pdbx_host_org_cell_line            ? 
_entity_src_gen.pdbx_host_org_atcc                 ? 
_entity_src_gen.pdbx_host_org_culture_collection   ? 
_entity_src_gen.pdbx_host_org_cell                 ? 
_entity_src_gen.pdbx_host_org_organelle            ? 
_entity_src_gen.pdbx_host_org_cellular_location    ? 
_entity_src_gen.pdbx_host_org_vector_type          ? 
_entity_src_gen.pdbx_host_org_vector               ? 
_entity_src_gen.host_org_details                   ? 
_entity_src_gen.expression_system_id               ? 
_entity_src_gen.plasmid_name                       ? 
_entity_src_gen.plasmid_details                    ? 
_entity_src_gen.pdbx_description                   ? 
# 
loop_
_chem_comp.id 
_chem_comp.type 
_chem_comp.mon_nstd_flag 
_chem_comp.name 
_chem_comp.pdbx_synonyms 
_chem_comp.formula 
_chem_comp.formula_weight 
ALA 'L-peptide linking' y ALANINE         ?                 'C3 H7 N O2'     89.093  
ARG 'L-peptide linking' y ARGININE        ?                 'C6 H15 N4 O2 1' 175.209 
ASN 'L-peptide linking' y ASPARAGINE      ?                 'C4 H8 N2 O3'    132.118 
ASP 'L-peptide linking' y 'ASPARTIC ACID' ?                 'C4 H7 N O4'     133.103 
CYS 'L-peptide linking' y CYSTEINE        ?                 'C3 H7 N O2 S'   121.158 
EDO non-polymer         . 1,2-ETHANEDIOL  'ETHYLENE GLYCOL' 'C2 H6 O2'       62.068  
GLN 'L-peptide linking' y GLUTAMINE       ?                 'C5 H10 N2 O3'   146.144 
GLU 'L-peptide linking' y 'GLUTAMIC ACID' ?                 'C5 H9 N O4'     147.129 
GLY 'peptide linking'   y GLYCINE         ?                 'C2 H5 N O2'     75.067  
HIS 'L-peptide linking' y HISTIDINE       ?                 'C6 H10 N3 O2 1' 156.162 
HOH non-polymer         . WATER           ?                 'H2 O'           18.015  
ILE 'L-peptide linking' y ISOLEUCINE      ?                 'C6 H13 N O2'    131.173 
LEU 'L-peptide linking' y LEUCINE         ?                 'C6 H13 N O2'    131.173 
LYS 'L-peptide linking' y LYSINE          ?                 'C6 H15 N2 O2 1' 147.195 
MET 'L-peptide linking' y METHIONINE      ?                 'C5 H11 N O2 S'  149.211 
PHE 'L-peptide linking' y PHENYLALANINE   ?                 'C9 H11 N O2'    165.189 
PRO 'L-peptide linking' y PROLINE         ?                 'C5 H9 N O2'     115.130 
SER 'L-peptide linking' y SERINE          ?                 'C3 H7 N O3'     105.093 
THR 'L-peptide linking' y THREONINE       ?                 'C4 H9 N O3'     119.119 
TYR 'L-peptide linking' y TYROSINE        ?                 'C9 H11 N O3'    181.189 
VAL 'L-peptide linking' y VALINE          ?                 'C5 H11 N O2'    117.146 
# 
loop_
_pdbx_poly_seq_scheme.asym_id 
_pdbx_poly_seq_scheme.entity_id 
_pdbx_poly_seq_scheme.seq_id 
_pdbx_poly_seq_scheme.mon_id 
_pdbx_poly_seq_scheme.ndb_seq_num 
_pdbx_poly_seq_scheme.pdb_seq_num 
_pdbx_poly_seq_scheme.auth_seq_num 
_pdbx_poly_seq_scheme.pdb_mon_id 
_pdbx_poly_seq_scheme.auth_mon_id 
_pdbx_poly_seq_scheme.pdb_strand_id 
_pdbx_poly_seq_scheme.pdb_ins_code 
_pdbx_poly_seq_scheme.hetero 
A 1 1  MET 1  24  ?  ?   ?   A . n 
A 1 2  ASN 2  25  25 ASN ASN A . n 
A 1 3  VAL 3  26  26 VAL VAL A . n 
A 1 4  ASP 4  27  27 ASP ASP A . n 
A 1 5  PRO 5  28  28 PRO PRO A . n 
A 1 6  HIS 6  29  29 HIS HIS A . n 
A 1 7  PHE 7  30  30 PHE PHE A . n 
A 1 8  ASP 8  31  31 ASP ASP A . n 
A 1 9  LYS 9  32  32 LYS LYS A . n 
A 1 10 PHE 10 33  33 PHE PHE A . n 
A 1 11 MET 11 34  34 MET MET A . n 
A 1 12 GLU 12 35  35 GLU GLU A . n 
A 1 13 SER 13 36  36 SER SER A . n 
A 1 14 GLY 14 37  37 GLY GLY A . n 
A 1 15 ILE 15 38  38 ILE ILE A . n 
A 1 16 ARG 16 39  39 ARG ARG A . n 
A 1 17 HIS 17 40  40 HIS HIS A . n 
A 1 18 VAL 18 41  41 VAL VAL A . n 
A 1 19 TYR 19 42  42 TYR TYR A . n 
A 1 20 MET 20 43  43 MET MET A . n 
A 1 21 LEU 21 44  44 LEU LEU A . n 
A 1 22 PHE 22 45  45 PHE PHE A . n 
A 1 23 GLU 23 46  46 GLU GLU A . n 
A 1 24 ASN 24 47  47 ASN ASN A . n 
A 1 25 LYS 25 48  48 LYS LYS A . n 
A 1 26 SER 26 49  49 SER SER A . n 
A 1 27 VAL 27 50  50 VAL VAL A . n 
A 1 28 GLU 28 51  51 GLU GLU A . n 
A 1 29 SER 29 52  52 SER SER A . n 
A 1 30 SER 30 53  53 SER SER A . n 
A 1 31 GLU 31 54  54 GLU GLU A . n 
A 1 32 GLN 32 55  55 GLN GLN A . n 
A 1 33 PHE 33 56  56 PHE PHE A . n 
A 1 34 TYR 34 57  57 TYR TYR A . n 
A 1 35 SER 35 58  58 SER SER A . n 
A 1 36 PHE 36 59  59 PHE PHE A . n 
A 1 37 MET 37 60  60 MET MET A . n 
A 1 38 ARG 38 61  61 ARG ARG A . n 
A 1 39 THR 39 62  62 THR THR A . n 
A 1 40 THR 40 63  63 THR THR A . n 
A 1 41 TYR 41 64  64 TYR TYR A . n 
A 1 42 LYS 42 65  65 LYS LYS A . n 
A 1 43 ASN 43 66  66 ASN ASN A . n 
A 1 44 ASP 44 67  67 ASP ASP A . n 
A 1 45 PRO 45 68  68 PRO PRO A . n 
A 1 46 CYS 46 69  69 CYS CYS A . n 
A 1 47 SER 47 70  70 SER SER A . n 
A 1 48 SER 48 71  71 SER SER A . n 
A 1 49 ASP 49 72  72 ASP ASP A . n 
A 1 50 PHE 50 73  73 PHE PHE A . n 
A 1 51 GLU 51 74  74 GLU GLU A . n 
A 1 52 CYS 52 75  75 CYS CYS A . n 
A 1 53 ILE 53 76  76 ILE ILE A . n 
A 1 54 GLU 54 77  77 GLU GLU A . n 
A 1 55 ARG 55 78  78 ARG ARG A . n 
A 1 56 GLY 56 79  79 GLY GLY A . n 
A 1 57 ALA 57 80  80 ALA ALA A . n 
A 1 58 GLU 58 81  81 GLU GLU A . n 
A 1 59 MET 59 82  82 MET MET A . n 
A 1 60 ALA 60 83  83 ALA ALA A . n 
A 1 61 GLN 61 84  84 GLN GLN A . n 
A 1 62 SER 62 85  85 SER SER A . n 
A 1 63 TYR 63 86  86 TYR TYR A . n 
A 1 64 ALA 64 87  87 ALA ALA A . n 
A 1 65 ARG 65 88  88 ARG ARG A . n 
A 1 66 ILE 66 89  89 ILE ILE A . n 
A 1 67 MET 67 90  90 MET MET A . n 
A 1 68 ASN 68 91  91 ASN ASN A . n 
A 1 69 ILE 69 92  92 ILE ILE A . n 
A 1 70 LYS 70 93  93 LYS LYS A . n 
A 1 71 LEU 71 94  94 LEU LEU A . n 
A 1 72 GLU 72 95  ?  ?   ?   A . n 
A 1 73 THR 73 96  ?  ?   ?   A . n 
A 1 74 GLU 74 97  ?  ?   ?   A . n 
A 1 75 LYS 75 98  ?  ?   ?   A . n 
A 1 76 LEU 76 99  ?  ?   ?   A . n 
A 1 77 ALA 77 100 ?  ?   ?   A . n 
A 1 78 ALA 78 101 ?  ?   ?   A . n 
A 1 79 ALA 79 102 ?  ?   ?   A . n 
A 1 80 LEU 80 103 ?  ?   ?   A . n 
A 1 81 GLU 81 104 ?  ?   ?   A . n 
A 1 82 HIS 82 105 ?  ?   ?   A . n 
A 1 83 HIS 83 106 ?  ?   ?   A . n 
A 1 84 HIS 84 107 ?  ?   ?   A . n 
A 1 85 HIS 85 108 ?  ?   ?   A . n 
A 1 86 HIS 86 109 ?  ?   ?   A . n 
A 1 87 HIS 87 110 ?  ?   ?   A . n 
# 
loop_
_pdbx_nonpoly_scheme.asym_id 
_pdbx_nonpoly_scheme.entity_id 
_pdbx_nonpoly_scheme.mon_id 
_pdbx_nonpoly_scheme.ndb_seq_num 
_pdbx_nonpoly_scheme.pdb_seq_num 
_pdbx_nonpoly_scheme.auth_seq_num 
_pdbx_nonpoly_scheme.pdb_mon_id 
_pdbx_nonpoly_scheme.auth_mon_id 
_pdbx_nonpoly_scheme.pdb_strand_id 
_pdbx_nonpoly_scheme.pdb_ins_code 
B 2 EDO 1  201 3318 EDO EDO A . 
C 3 HOH 1  301 22   HOH HOH A . 
C 3 HOH 2  302 24   HOH HOH A . 
C 3 HOH 3  303 20   HOH HOH A . 
C 3 HOH 4  304 25   HOH HOH A . 
C 3 HOH 5  305 5    HOH HOH A . 
C 3 HOH 6  306 8    HOH HOH A . 
C 3 HOH 7  307 21   HOH HOH A . 
C 3 HOH 8  308 15   HOH HOH A . 
C 3 HOH 9  309 23   HOH HOH A . 
C 3 HOH 10 310 14   HOH HOH A . 
# 
loop_
_software.citation_id 
_software.classification 
_software.compiler_name 
_software.compiler_version 
_software.contact_author 
_software.contact_author_email 
_software.date 
_software.description 
_software.dependencies 
_software.hardware 
_software.language 
_software.location 
_software.mods 
_software.name 
_software.os 
_software.os_version 
_software.type 
_software.version 
_software.pdbx_ordinal 
? refinement        ? ? ? ? ? ? ? ? ? ? ? PHENIX      ? ? ? 1.11.1_2575 1 
? 'data scaling'    ? ? ? ? ? ? ? ? ? ? ? HKL-2000    ? ? ? .           2 
? 'data extraction' ? ? ? ? ? ? ? ? ? ? ? PDB_EXTRACT ? ? ? 3.25        3 
? 'data reduction'  ? ? ? ? ? ? ? ? ? ? ? TRUNCATE    ? ? ? .           4 
? phasing           ? ? ? ? ? ? ? ? ? ? ? SHARP       ? ? ? .           5 
# 
_cell.angle_alpha                  90.000 
_cell.angle_alpha_esd              ? 
_cell.angle_beta                   90.000 
_cell.angle_beta_esd               ? 
_cell.angle_gamma                  120.000 
_cell.angle_gamma_esd              ? 
_cell.entry_id                     6PSH 
_cell.details                      ? 
_cell.formula_units_Z              ? 
_cell.length_a                     49.975 
_cell.length_a_esd                 ? 
_cell.length_b                     49.975 
_cell.length_b_esd                 ? 
_cell.length_c                     118.677 
_cell.length_c_esd                 ? 
_cell.volume                       ? 
_cell.volume_esd                   ? 
_cell.Z_PDB                        12 
_cell.reciprocal_angle_alpha       ? 
_cell.reciprocal_angle_beta        ? 
_cell.reciprocal_angle_gamma       ? 
_cell.reciprocal_angle_alpha_esd   ? 
_cell.reciprocal_angle_beta_esd    ? 
_cell.reciprocal_angle_gamma_esd   ? 
_cell.reciprocal_length_a          ? 
_cell.reciprocal_length_b          ? 
_cell.reciprocal_length_c          ? 
_cell.reciprocal_length_a_esd      ? 
_cell.reciprocal_length_b_esd      ? 
_cell.reciprocal_length_c_esd      ? 
_cell.pdbx_unique_axis             ? 
# 
_symmetry.entry_id                         6PSH 
_symmetry.cell_setting                     ? 
_symmetry.Int_Tables_number                180 
_symmetry.space_group_name_Hall            ? 
_symmetry.space_group_name_H-M             'P 62 2 2' 
_symmetry.pdbx_full_space_group_name_H-M   ? 
# 
_exptl.absorpt_coefficient_mu     ? 
_exptl.absorpt_correction_T_max   ? 
_exptl.absorpt_correction_T_min   ? 
_exptl.absorpt_correction_type    ? 
_exptl.absorpt_process_details    ? 
_exptl.entry_id                   6PSH 
_exptl.crystals_number            1 
_exptl.details                    ? 
_exptl.method                     'X-RAY DIFFRACTION' 
_exptl.method_details             ? 
# 
_exptl_crystal.colour                      ? 
_exptl_crystal.density_diffrn              ? 
_exptl_crystal.density_Matthews            2.07 
_exptl_crystal.density_method              ? 
_exptl_crystal.density_percent_sol         40.61 
_exptl_crystal.description                 ? 
_exptl_crystal.F_000                       ? 
_exptl_crystal.id                          1 
_exptl_crystal.preparation                 ? 
_exptl_crystal.size_max                    ? 
_exptl_crystal.size_mid                    ? 
_exptl_crystal.size_min                    ? 
_exptl_crystal.size_rad                    ? 
_exptl_crystal.colour_lustre               ? 
_exptl_crystal.colour_modifier             ? 
_exptl_crystal.colour_primary              ? 
_exptl_crystal.density_meas                ? 
_exptl_crystal.density_meas_esd            ? 
_exptl_crystal.density_meas_gt             ? 
_exptl_crystal.density_meas_lt             ? 
_exptl_crystal.density_meas_temp           ? 
_exptl_crystal.density_meas_temp_esd       ? 
_exptl_crystal.density_meas_temp_gt        ? 
_exptl_crystal.density_meas_temp_lt        ? 
_exptl_crystal.pdbx_crystal_image_url      ? 
_exptl_crystal.pdbx_crystal_image_format   ? 
_exptl_crystal.pdbx_mosaicity              ? 
_exptl_crystal.pdbx_mosaicity_esd          ? 
# 
_exptl_crystal_grow.apparatus       ? 
_exptl_crystal_grow.atmosphere      ? 
_exptl_crystal_grow.crystal_id      1 
_exptl_crystal_grow.details         ? 
_exptl_crystal_grow.method          'VAPOR DIFFUSION' 
_exptl_crystal_grow.method_ref      ? 
_exptl_crystal_grow.pH              4.5 
_exptl_crystal_grow.pressure        ? 
_exptl_crystal_grow.pressure_esd    ? 
_exptl_crystal_grow.seeding         ? 
_exptl_crystal_grow.seeding_ref     ? 
_exptl_crystal_grow.temp            289 
_exptl_crystal_grow.temp_details    ? 
_exptl_crystal_grow.temp_esd        ? 
_exptl_crystal_grow.time            ? 
_exptl_crystal_grow.pdbx_details    '100 mM Na citrate (pH 4.5), 1M Na acetate, 0.5% Anapoe X114' 
_exptl_crystal_grow.pdbx_pH_range   ? 
# 
_diffrn.ambient_environment              ? 
_diffrn.ambient_temp                     100 
_diffrn.ambient_temp_details             ? 
_diffrn.ambient_temp_esd                 ? 
_diffrn.crystal_id                       1 
_diffrn.crystal_support                  ? 
_diffrn.crystal_treatment                ? 
_diffrn.details                          ? 
_diffrn.id                               1 
_diffrn.ambient_pressure                 ? 
_diffrn.ambient_pressure_esd             ? 
_diffrn.ambient_pressure_gt              ? 
_diffrn.ambient_pressure_lt              ? 
_diffrn.ambient_temp_gt                  ? 
_diffrn.ambient_temp_lt                  ? 
_diffrn.pdbx_serial_crystal_experiment   N 
# 
_diffrn_detector.details                      ? 
_diffrn_detector.detector                     'IMAGE PLATE' 
_diffrn_detector.diffrn_id                    1 
_diffrn_detector.type                         'MAR scanner 300 mm plate' 
_diffrn_detector.area_resol_mean              ? 
_diffrn_detector.dtime                        ? 
_diffrn_detector.pdbx_frames_total            ? 
_diffrn_detector.pdbx_collection_time_total   ? 
_diffrn_detector.pdbx_collection_date         2010-04-05 
_diffrn_detector.pdbx_frequency               ? 
# 
_diffrn_radiation.collimation                      ? 
_diffrn_radiation.diffrn_id                        1 
_diffrn_radiation.filter_edge                      ? 
_diffrn_radiation.inhomogeneity                    ? 
_diffrn_radiation.monochromator                    ? 
_diffrn_radiation.polarisn_norm                    ? 
_diffrn_radiation.polarisn_ratio                   ? 
_diffrn_radiation.probe                            ? 
_diffrn_radiation.type                             ? 
_diffrn_radiation.xray_symbol                      ? 
_diffrn_radiation.wavelength_id                    1 
_diffrn_radiation.pdbx_monochromatic_or_laue_m_l   M 
_diffrn_radiation.pdbx_wavelength_list             ? 
_diffrn_radiation.pdbx_wavelength                  ? 
_diffrn_radiation.pdbx_diffrn_protocol             'SINGLE WAVELENGTH' 
_diffrn_radiation.pdbx_analyzer                    ? 
_diffrn_radiation.pdbx_scattering_type             x-ray 
# 
_diffrn_radiation_wavelength.id           1 
_diffrn_radiation_wavelength.wavelength   0.9795 
_diffrn_radiation_wavelength.wt           1.0 
# 
_diffrn_source.current                     ? 
_diffrn_source.details                     ? 
_diffrn_source.diffrn_id                   1 
_diffrn_source.power                       ? 
_diffrn_source.size                        ? 
_diffrn_source.source                      SYNCHROTRON 
_diffrn_source.target                      ? 
_diffrn_source.type                        'APS BEAMLINE 23-ID-B' 
_diffrn_source.voltage                     ? 
_diffrn_source.take-off_angle              ? 
_diffrn_source.pdbx_wavelength_list        0.9795 
_diffrn_source.pdbx_wavelength             ? 
_diffrn_source.pdbx_synchrotron_beamline   23-ID-B 
_diffrn_source.pdbx_synchrotron_site       APS 
# 
_reflns.B_iso_Wilson_estimate            45.990 
_reflns.entry_id                         6PSH 
_reflns.data_reduction_details           ? 
_reflns.data_reduction_method            ? 
_reflns.d_resolution_high                2.210 
_reflns.d_resolution_low                 50.000 
_reflns.details                          ? 
_reflns.limit_h_max                      ? 
_reflns.limit_h_min                      ? 
_reflns.limit_k_max                      ? 
_reflns.limit_k_min                      ? 
_reflns.limit_l_max                      ? 
_reflns.limit_l_min                      ? 
_reflns.number_all                       ? 
_reflns.number_obs                       4888 
_reflns.observed_criterion               ? 
_reflns.observed_criterion_F_max         ? 
_reflns.observed_criterion_F_min         ? 
_reflns.observed_criterion_I_max         ? 
_reflns.observed_criterion_I_min         ? 
_reflns.observed_criterion_sigma_F       ? 
_reflns.observed_criterion_sigma_I       ? 
_reflns.percent_possible_obs             99.900 
_reflns.R_free_details                   ? 
_reflns.Rmerge_F_all                     ? 
_reflns.Rmerge_F_obs                     ? 
_reflns.Friedel_coverage                 ? 
_reflns.number_gt                        ? 
_reflns.threshold_expression             ? 
_reflns.pdbx_redundancy                  25.100 
_reflns.pdbx_Rmerge_I_obs                0.106 
_reflns.pdbx_Rmerge_I_all                ? 
_reflns.pdbx_Rsym_value                  ? 
_reflns.pdbx_netI_over_av_sigmaI         ? 
_reflns.pdbx_netI_over_sigmaI            6.300 
_reflns.pdbx_res_netI_over_av_sigmaI_2   ? 
_reflns.pdbx_res_netI_over_sigmaI_2      ? 
_reflns.pdbx_chi_squared                 1.831 
_reflns.pdbx_scaling_rejects             ? 
_reflns.pdbx_d_res_high_opt              ? 
_reflns.pdbx_d_res_low_opt               ? 
_reflns.pdbx_d_res_opt_method            ? 
_reflns.phase_calculation_details        ? 
_reflns.pdbx_Rrim_I_all                  ? 
_reflns.pdbx_Rpim_I_all                  ? 
_reflns.pdbx_d_opt                       ? 
_reflns.pdbx_number_measured_all         122852 
_reflns.pdbx_diffrn_id                   1 
_reflns.pdbx_ordinal                     1 
_reflns.pdbx_CC_half                     ? 
_reflns.pdbx_R_split                     ? 
# 
loop_
_reflns_shell.d_res_high 
_reflns_shell.d_res_low 
_reflns_shell.meanI_over_sigI_all 
_reflns_shell.meanI_over_sigI_obs 
_reflns_shell.number_measured_all 
_reflns_shell.number_measured_obs 
_reflns_shell.number_possible 
_reflns_shell.number_unique_all 
_reflns_shell.number_unique_obs 
_reflns_shell.percent_possible_all 
_reflns_shell.percent_possible_obs 
_reflns_shell.Rmerge_F_all 
_reflns_shell.Rmerge_F_obs 
_reflns_shell.Rmerge_I_all 
_reflns_shell.Rmerge_I_obs 
_reflns_shell.meanI_over_sigI_gt 
_reflns_shell.meanI_over_uI_all 
_reflns_shell.meanI_over_uI_gt 
_reflns_shell.number_measured_gt 
_reflns_shell.number_unique_gt 
_reflns_shell.percent_possible_gt 
_reflns_shell.Rmerge_F_gt 
_reflns_shell.Rmerge_I_gt 
_reflns_shell.pdbx_redundancy 
_reflns_shell.pdbx_Rsym_value 
_reflns_shell.pdbx_chi_squared 
_reflns_shell.pdbx_netI_over_sigmaI_all 
_reflns_shell.pdbx_netI_over_sigmaI_obs 
_reflns_shell.pdbx_Rrim_I_all 
_reflns_shell.pdbx_Rpim_I_all 
_reflns_shell.pdbx_rejects 
_reflns_shell.pdbx_ordinal 
_reflns_shell.pdbx_diffrn_id 
_reflns_shell.pdbx_CC_half 
_reflns_shell.pdbx_R_split 
2.210 2.250  ? ? ? ? ? ? 240 100.000 ? ? ? ? 0.700 ? ? ? ? ? ? ? ? 19.200 ? 0.517 ? ? ? ? ? 1  1 ? ? 
2.250 2.290  ? ? ? ? ? ? 229 99.600  ? ? ? ? 0.608 ? ? ? ? ? ? ? ? 20.500 ? 0.442 ? ? ? ? ? 2  1 ? ? 
2.290 2.330  ? ? ? ? ? ? 230 100.000 ? ? ? ? 0.696 ? ? ? ? ? ? ? ? 24.500 ? 0.559 ? ? ? ? ? 3  1 ? ? 
2.330 2.380  ? ? ? ? ? ? 239 100.000 ? ? ? ? 0.616 ? ? ? ? ? ? ? ? 25.100 ? 0.480 ? ? ? ? ? 4  1 ? ? 
2.380 2.430  ? ? ? ? ? ? 229 100.000 ? ? ? ? 0.502 ? ? ? ? ? ? ? ? 26.600 ? 0.510 ? ? ? ? ? 5  1 ? ? 
2.430 2.490  ? ? ? ? ? ? 238 100.000 ? ? ? ? 0.462 ? ? ? ? ? ? ? ? 27.100 ? 0.499 ? ? ? ? ? 6  1 ? ? 
2.490 2.550  ? ? ? ? ? ? 231 100.000 ? ? ? ? 0.351 ? ? ? ? ? ? ? ? 26.900 ? 0.560 ? ? ? ? ? 7  1 ? ? 
2.550 2.620  ? ? ? ? ? ? 244 100.000 ? ? ? ? 0.280 ? ? ? ? ? ? ? ? 27.900 ? 0.559 ? ? ? ? ? 8  1 ? ? 
2.620 2.700  ? ? ? ? ? ? 232 100.000 ? ? ? ? 0.223 ? ? ? ? ? ? ? ? 27.100 ? 0.587 ? ? ? ? ? 9  1 ? ? 
2.700 2.780  ? ? ? ? ? ? 241 100.000 ? ? ? ? 0.211 ? ? ? ? ? ? ? ? 26.900 ? 0.632 ? ? ? ? ? 10 1 ? ? 
2.780 2.880  ? ? ? ? ? ? 237 100.000 ? ? ? ? 0.152 ? ? ? ? ? ? ? ? 26.700 ? 0.774 ? ? ? ? ? 11 1 ? ? 
2.880 3.000  ? ? ? ? ? ? 239 100.000 ? ? ? ? 0.162 ? ? ? ? ? ? ? ? 27.200 ? 0.942 ? ? ? ? ? 12 1 ? ? 
3.000 3.140  ? ? ? ? ? ? 247 100.000 ? ? ? ? 0.117 ? ? ? ? ? ? ? ? 26.100 ? 1.064 ? ? ? ? ? 13 1 ? ? 
3.140 3.300  ? ? ? ? ? ? 239 100.000 ? ? ? ? 0.104 ? ? ? ? ? ? ? ? 26.900 ? 1.352 ? ? ? ? ? 14 1 ? ? 
3.300 3.510  ? ? ? ? ? ? 239 100.000 ? ? ? ? 0.095 ? ? ? ? ? ? ? ? 26.200 ? 1.947 ? ? ? ? ? 15 1 ? ? 
3.510 3.780  ? ? ? ? ? ? 253 100.000 ? ? ? ? 0.094 ? ? ? ? ? ? ? ? 26.000 ? 2.357 ? ? ? ? ? 16 1 ? ? 
3.780 4.160  ? ? ? ? ? ? 251 100.000 ? ? ? ? 0.087 ? ? ? ? ? ? ? ? 25.200 ? 3.463 ? ? ? ? ? 17 1 ? ? 
4.160 4.760  ? ? ? ? ? ? 254 100.000 ? ? ? ? 0.081 ? ? ? ? ? ? ? ? 24.600 ? 3.881 ? ? ? ? ? 18 1 ? ? 
4.760 6.000  ? ? ? ? ? ? 265 100.000 ? ? ? ? 0.082 ? ? ? ? ? ? ? ? 23.500 ? 5.555 ? ? ? ? ? 19 1 ? ? 
6.000 50.000 ? ? ? ? ? ? 311 98.700  ? ? ? ? 0.084 ? ? ? ? ? ? ? ? 20.200 ? 9.338 ? ? ? ? ? 20 1 ? ? 
# 
_refine.aniso_B[1][1]                            ? 
_refine.aniso_B[1][2]                            ? 
_refine.aniso_B[1][3]                            ? 
_refine.aniso_B[2][2]                            ? 
_refine.aniso_B[2][3]                            ? 
_refine.aniso_B[3][3]                            ? 
_refine.B_iso_max                                135.150 
_refine.B_iso_mean                               60.5893 
_refine.B_iso_min                                25.650 
_refine.correlation_coeff_Fo_to_Fc               ? 
_refine.correlation_coeff_Fo_to_Fc_free          ? 
_refine.details                                  ? 
_refine.diff_density_max                         ? 
_refine.diff_density_max_esd                     ? 
_refine.diff_density_min                         ? 
_refine.diff_density_min_esd                     ? 
_refine.diff_density_rms                         ? 
_refine.diff_density_rms_esd                     ? 
_refine.entry_id                                 6PSH 
_refine.pdbx_refine_id                           'X-RAY DIFFRACTION' 
_refine.ls_abs_structure_details                 ? 
_refine.ls_abs_structure_Flack                   ? 
_refine.ls_abs_structure_Flack_esd               ? 
_refine.ls_abs_structure_Rogers                  ? 
_refine.ls_abs_structure_Rogers_esd              ? 
_refine.ls_d_res_high                            2.2100 
_refine.ls_d_res_low                             40.6600 
_refine.ls_extinction_coef                       ? 
_refine.ls_extinction_coef_esd                   ? 
_refine.ls_extinction_expression                 ? 
_refine.ls_extinction_method                     ? 
_refine.ls_goodness_of_fit_all                   ? 
_refine.ls_goodness_of_fit_all_esd               ? 
_refine.ls_goodness_of_fit_obs                   ? 
_refine.ls_goodness_of_fit_obs_esd               ? 
_refine.ls_hydrogen_treatment                    ? 
_refine.ls_matrix_type                           ? 
_refine.ls_number_constraints                    ? 
_refine.ls_number_parameters                     ? 
_refine.ls_number_reflns_all                     ? 
_refine.ls_number_reflns_obs                     4758 
_refine.ls_number_reflns_R_free                  476 
_refine.ls_number_reflns_R_work                  ? 
_refine.ls_number_restraints                     ? 
_refine.ls_percent_reflns_obs                    97.9200 
_refine.ls_percent_reflns_R_free                 10.0000 
_refine.ls_R_factor_all                          ? 
_refine.ls_R_factor_obs                          0.2885 
_refine.ls_R_factor_R_free                       0.3229 
_refine.ls_R_factor_R_free_error                 ? 
_refine.ls_R_factor_R_free_error_details         ? 
_refine.ls_R_factor_R_work                       0.2841 
_refine.ls_R_Fsqd_factor_obs                     ? 
_refine.ls_R_I_factor_obs                        ? 
_refine.ls_redundancy_reflns_all                 ? 
_refine.ls_redundancy_reflns_obs                 ? 
_refine.ls_restrained_S_all                      ? 
_refine.ls_restrained_S_obs                      ? 
_refine.ls_shift_over_esd_max                    ? 
_refine.ls_shift_over_esd_mean                   ? 
_refine.ls_structure_factor_coef                 ? 
_refine.ls_weighting_details                     ? 
_refine.ls_weighting_scheme                      ? 
_refine.ls_wR_factor_all                         ? 
_refine.ls_wR_factor_obs                         ? 
_refine.ls_wR_factor_R_free                      ? 
_refine.ls_wR_factor_R_work                      ? 
_refine.occupancy_max                            ? 
_refine.occupancy_min                            ? 
_refine.solvent_model_details                    ? 
_refine.solvent_model_param_bsol                 ? 
_refine.solvent_model_param_ksol                 ? 
_refine.ls_R_factor_gt                           ? 
_refine.ls_goodness_of_fit_gt                    ? 
_refine.ls_goodness_of_fit_ref                   ? 
_refine.ls_shift_over_su_max                     ? 
_refine.ls_shift_over_su_max_lt                  ? 
_refine.ls_shift_over_su_mean                    ? 
_refine.ls_shift_over_su_mean_lt                 ? 
_refine.pdbx_ls_sigma_I                          ? 
_refine.pdbx_ls_sigma_F                          0.330 
_refine.pdbx_ls_sigma_Fsqd                       ? 
_refine.pdbx_data_cutoff_high_absF               ? 
_refine.pdbx_data_cutoff_high_rms_absF           ? 
_refine.pdbx_data_cutoff_low_absF                ? 
_refine.pdbx_isotropic_thermal_model             ? 
_refine.pdbx_ls_cross_valid_method               THROUGHOUT 
_refine.pdbx_method_to_determine_struct          SAD 
_refine.pdbx_starting_model                      ? 
_refine.pdbx_stereochemistry_target_values       ? 
_refine.pdbx_R_Free_selection_details            ? 
_refine.pdbx_stereochem_target_val_spec_case     ? 
_refine.pdbx_overall_ESU_R                       ? 
_refine.pdbx_overall_ESU_R_Free                  ? 
_refine.pdbx_solvent_vdw_probe_radii             1.1100 
_refine.pdbx_solvent_ion_probe_radii             ? 
_refine.pdbx_solvent_shrinkage_radii             0.9000 
_refine.pdbx_real_space_R                        ? 
_refine.pdbx_density_correlation                 ? 
_refine.pdbx_pd_number_of_powder_patterns        ? 
_refine.pdbx_pd_number_of_points                 ? 
_refine.pdbx_pd_meas_number_of_points            ? 
_refine.pdbx_pd_proc_ls_prof_R_factor            ? 
_refine.pdbx_pd_proc_ls_prof_wR_factor           ? 
_refine.pdbx_pd_Marquardt_correlation_coeff      ? 
_refine.pdbx_pd_Fsqrd_R_factor                   ? 
_refine.pdbx_pd_ls_matrix_band_width             ? 
_refine.pdbx_overall_phase_error                 38.3800 
_refine.pdbx_overall_SU_R_free_Cruickshank_DPI   ? 
_refine.pdbx_overall_SU_R_free_Blow_DPI          ? 
_refine.pdbx_overall_SU_R_Blow_DPI               ? 
_refine.pdbx_TLS_residual_ADP_flag               ? 
_refine.pdbx_diffrn_id                           1 
_refine.overall_SU_B                             ? 
_refine.overall_SU_ML                            0.2900 
_refine.overall_SU_R_Cruickshank_DPI             ? 
_refine.overall_SU_R_free                        ? 
_refine.overall_FOM_free_R_set                   ? 
_refine.overall_FOM_work_R_set                   ? 
_refine.pdbx_average_fsc_overall                 ? 
_refine.pdbx_average_fsc_work                    ? 
_refine.pdbx_average_fsc_free                    ? 
# 
_refine_hist.pdbx_refine_id                   'X-RAY DIFFRACTION' 
_refine_hist.cycle_id                         final 
_refine_hist.details                          ? 
_refine_hist.d_res_high                       2.2100 
_refine_hist.d_res_low                        40.6600 
_refine_hist.number_atoms_solvent             10 
_refine_hist.number_atoms_total               593 
_refine_hist.number_reflns_all                ? 
_refine_hist.number_reflns_obs                ? 
_refine_hist.number_reflns_R_free             ? 
_refine_hist.number_reflns_R_work             ? 
_refine_hist.R_factor_all                     ? 
_refine_hist.R_factor_obs                     ? 
_refine_hist.R_factor_R_free                  ? 
_refine_hist.R_factor_R_work                  ? 
_refine_hist.pdbx_number_residues_total       70 
_refine_hist.pdbx_B_iso_mean_ligand           72.51 
_refine_hist.pdbx_B_iso_mean_solvent          68.64 
_refine_hist.pdbx_number_atoms_protein        579 
_refine_hist.pdbx_number_atoms_nucleic_acid   0 
_refine_hist.pdbx_number_atoms_ligand         4 
_refine_hist.pdbx_number_atoms_lipid          ? 
_refine_hist.pdbx_number_atoms_carb           ? 
_refine_hist.pdbx_pseudo_atom_details         ? 
# 
loop_
_refine_ls_restr.pdbx_refine_id 
_refine_ls_restr.criterion 
_refine_ls_restr.dev_ideal 
_refine_ls_restr.dev_ideal_target 
_refine_ls_restr.number 
_refine_ls_restr.rejects 
_refine_ls_restr.type 
_refine_ls_restr.weight 
_refine_ls_restr.pdbx_restraint_function 
'X-RAY DIFFRACTION' ? 0.006  ? 616 ? f_bond_d           ? ? 
'X-RAY DIFFRACTION' ? 0.731  ? 826 ? f_angle_d          ? ? 
'X-RAY DIFFRACTION' ? 0.045  ? 81  ? f_chiral_restr     ? ? 
'X-RAY DIFFRACTION' ? 0.005  ? 108 ? f_plane_restr      ? ? 
'X-RAY DIFFRACTION' ? 11.979 ? 517 ? f_dihedral_angle_d ? ? 
# 
loop_
_refine_ls_shell.pdbx_refine_id 
_refine_ls_shell.d_res_high 
_refine_ls_shell.d_res_low 
_refine_ls_shell.number_reflns_all 
_refine_ls_shell.number_reflns_obs 
_refine_ls_shell.number_reflns_R_free 
_refine_ls_shell.number_reflns_R_work 
_refine_ls_shell.percent_reflns_obs 
_refine_ls_shell.percent_reflns_R_free 
_refine_ls_shell.R_factor_all 
_refine_ls_shell.R_factor_obs 
_refine_ls_shell.R_factor_R_free 
_refine_ls_shell.R_factor_R_free_error 
_refine_ls_shell.R_factor_R_work 
_refine_ls_shell.redundancy_reflns_all 
_refine_ls_shell.redundancy_reflns_obs 
_refine_ls_shell.wR_factor_all 
_refine_ls_shell.wR_factor_obs 
_refine_ls_shell.wR_factor_R_free 
_refine_ls_shell.wR_factor_R_work 
_refine_ls_shell.pdbx_total_number_of_bins_used 
_refine_ls_shell.pdbx_phase_error 
_refine_ls_shell.pdbx_fsc_work 
_refine_ls_shell.pdbx_fsc_free 
'X-RAY DIFFRACTION' 2.2104 2.5303 . . 149 1338 95.0000  . . . 0.3999 0.0000 0.3066 . . . . . . . . . . 
'X-RAY DIFFRACTION' 2.5303 3.1877 . . 156 1404 99.0000  . . . 0.3919 0.0000 0.3162 . . . . . . . . . . 
'X-RAY DIFFRACTION' 3.1877 40.6   . . 171 1540 100.0000 . . . 0.2927 0.0000 0.2700 . . . . . . . . . . 
# 
_struct.entry_id                     6PSH 
_struct.title                        'Crystal structure of periplasmic domain of antiholin RI from T4 phage' 
_struct.pdbx_model_details           ? 
_struct.pdbx_formula_weight          ? 
_struct.pdbx_formula_weight_method   ? 
_struct.pdbx_model_type_details      ? 
_struct.pdbx_CASP_flag               N 
# 
_struct_keywords.entry_id        6PSH 
_struct_keywords.text            'phage, lysis inhibition, VIRAL PROTEIN' 
_struct_keywords.pdbx_keywords   'VIRAL PROTEIN' 
# 
loop_
_struct_asym.id 
_struct_asym.pdbx_blank_PDB_chainid_flag 
_struct_asym.pdbx_modified 
_struct_asym.entity_id 
_struct_asym.details 
A N N 1 ? 
B N N 2 ? 
C N N 3 ? 
# 
_struct_ref.id                         1 
_struct_ref.db_name                    UNP 
_struct_ref.db_code                    ANTIH_BPT4 
_struct_ref.pdbx_db_accession          P13304 
_struct_ref.pdbx_db_isoform            ? 
_struct_ref.entity_id                  1 
_struct_ref.pdbx_seq_one_letter_code   NVDPHFDKFMESGIRHVYMLFENKSVESSEQFYSFMRTTYKNDPCSSDFECIERGAEMAQSYARIMNIKLETE 
_struct_ref.pdbx_align_begin           25 
# 
_struct_ref_seq.align_id                      1 
_struct_ref_seq.ref_id                        1 
_struct_ref_seq.pdbx_PDB_id_code              6PSH 
_struct_ref_seq.pdbx_strand_id                A 
_struct_ref_seq.seq_align_beg                 2 
_struct_ref_seq.pdbx_seq_align_beg_ins_code   ? 
_struct_ref_seq.seq_align_end                 74 
_struct_ref_seq.pdbx_seq_align_end_ins_code   ? 
_struct_ref_seq.pdbx_db_accession             P13304 
_struct_ref_seq.db_align_beg                  25 
_struct_ref_seq.pdbx_db_align_beg_ins_code    ? 
_struct_ref_seq.db_align_end                  97 
_struct_ref_seq.pdbx_db_align_end_ins_code    ? 
_struct_ref_seq.pdbx_auth_seq_align_beg       25 
_struct_ref_seq.pdbx_auth_seq_align_end       97 
# 
loop_
_struct_ref_seq_dif.align_id 
_struct_ref_seq_dif.pdbx_pdb_id_code 
_struct_ref_seq_dif.mon_id 
_struct_ref_seq_dif.pdbx_pdb_strand_id 
_struct_ref_seq_dif.seq_num 
_struct_ref_seq_dif.pdbx_pdb_ins_code 
_struct_ref_seq_dif.pdbx_seq_db_name 
_struct_ref_seq_dif.pdbx_seq_db_accession_code 
_struct_ref_seq_dif.db_mon_id 
_struct_ref_seq_dif.pdbx_seq_db_seq_num 
_struct_ref_seq_dif.details 
_struct_ref_seq_dif.pdbx_auth_seq_num 
_struct_ref_seq_dif.pdbx_ordinal 
1 6PSH MET A 1  ? UNP P13304 ? ? 'initiating methionine' 24  1  
1 6PSH LYS A 75 ? UNP P13304 ? ? 'expression tag'        98  2  
1 6PSH LEU A 76 ? UNP P13304 ? ? 'expression tag'        99  3  
1 6PSH ALA A 77 ? UNP P13304 ? ? 'expression tag'        100 4  
1 6PSH ALA A 78 ? UNP P13304 ? ? 'expression tag'        101 5  
1 6PSH ALA A 79 ? UNP P13304 ? ? 'expression tag'        102 6  
1 6PSH LEU A 80 ? UNP P13304 ? ? 'expression tag'        103 7  
1 6PSH GLU A 81 ? UNP P13304 ? ? 'expression tag'        104 8  
1 6PSH HIS A 82 ? UNP P13304 ? ? 'expression tag'        105 9  
1 6PSH HIS A 83 ? UNP P13304 ? ? 'expression tag'        106 10 
1 6PSH HIS A 84 ? UNP P13304 ? ? 'expression tag'        107 11 
1 6PSH HIS A 85 ? UNP P13304 ? ? 'expression tag'        108 12 
1 6PSH HIS A 86 ? UNP P13304 ? ? 'expression tag'        109 13 
1 6PSH HIS A 87 ? UNP P13304 ? ? 'expression tag'        110 14 
# 
_pdbx_struct_assembly.id                   1 
_pdbx_struct_assembly.details              author_and_software_defined_assembly 
_pdbx_struct_assembly.method_details       PISA 
_pdbx_struct_assembly.oligomeric_details   tetrameric 
_pdbx_struct_assembly.oligomeric_count     4 
# 
_pdbx_struct_assembly_gen.assembly_id       1 
_pdbx_struct_assembly_gen.oper_expression   1,2,3,4 
_pdbx_struct_assembly_gen.asym_id_list      A,B,C 
# 
_pdbx_struct_assembly_auth_evidence.id                     1 
_pdbx_struct_assembly_auth_evidence.assembly_id            1 
_pdbx_struct_assembly_auth_evidence.experimental_support   'gel filtration' 
_pdbx_struct_assembly_auth_evidence.details                ? 
# 
loop_
_pdbx_struct_oper_list.id 
_pdbx_struct_oper_list.type 
_pdbx_struct_oper_list.name 
_pdbx_struct_oper_list.symmetry_operation 
_pdbx_struct_oper_list.matrix[1][1] 
_pdbx_struct_oper_list.matrix[1][2] 
_pdbx_struct_oper_list.matrix[1][3] 
_pdbx_struct_oper_list.vector[1] 
_pdbx_struct_oper_list.matrix[2][1] 
_pdbx_struct_oper_list.matrix[2][2] 
_pdbx_struct_oper_list.matrix[2][3] 
_pdbx_struct_oper_list.vector[2] 
_pdbx_struct_oper_list.matrix[3][1] 
_pdbx_struct_oper_list.matrix[3][2] 
_pdbx_struct_oper_list.matrix[3][3] 
_pdbx_struct_oper_list.vector[3] 
1 'identity operation'         1_555  x,y,z         1.0000000000  0.0000000000  0.0000000000  0.0000000000  0.0000000000  1.0000000000  0.0000000000  0.0000000000 0.0000000000  0.0000000000  1.0000000000  0.0000000000  
2 'crystal symmetry operation' 4_655  -x+1,-y,z     -0.9415521582 -0.3364578816 0.0166020290  13.5331233754 -0.3364578816 0.9368363747  -0.0955703978 2.6261425999 0.0166020290  -0.0955703978 -0.9952842165 5.5779038620  
3 'crystal symmetry operation' 8_556  x-y,-y,-z+1   -0.7906508050 0.0664003926  0.6086561364  9.9024024465  0.0664003926  -0.9789394359 0.1930506894  4.0829014852 0.6086561364  0.1930506894  0.7695902409  -3.8513802821 
4 'crystal symmetry operation' 11_656 -x+y+1,y,-z+1 0.7322029632  0.2700574889  -0.6252581654 2.7718298694  0.2700574889  -0.9578969388 -0.0974802917 3.4874898216 -0.6252581654 -0.0974802917 -0.7743060244 9.1853173218 
# 
loop_
_struct_conf.conf_type_id 
_struct_conf.id 
_struct_conf.pdbx_PDB_helix_id 
_struct_conf.beg_label_comp_id 
_struct_conf.beg_label_asym_id 
_struct_conf.beg_label_seq_id 
_struct_conf.pdbx_beg_PDB_ins_code 
_struct_conf.end_label_comp_id 
_struct_conf.end_label_asym_id 
_struct_conf.end_label_seq_id 
_struct_conf.pdbx_end_PDB_ins_code 
_struct_conf.beg_auth_comp_id 
_struct_conf.beg_auth_asym_id 
_struct_conf.beg_auth_seq_id 
_struct_conf.end_auth_comp_id 
_struct_conf.end_auth_asym_id 
_struct_conf.end_auth_seq_id 
_struct_conf.pdbx_PDB_helix_class 
_struct_conf.details 
_struct_conf.pdbx_PDB_helix_length 
HELX_P HELX_P1 AA1 ASP A 4  ? PHE A 22 ? ASP A 27 PHE A 45 1 ? 19 
HELX_P HELX_P2 AA2 PHE A 22 ? ASN A 43 ? PHE A 45 ASN A 66 1 ? 22 
HELX_P HELX_P3 AA3 SER A 48 ? ILE A 69 ? SER A 71 ILE A 92 1 ? 22 
# 
_struct_conf_type.id          HELX_P 
_struct_conf_type.criteria    ? 
_struct_conf_type.reference   ? 
# 
_struct_conn.id                            disulf1 
_struct_conn.conn_type_id                  disulf 
_struct_conn.pdbx_leaving_atom_flag        ? 
_struct_conn.pdbx_PDB_id                   ? 
_struct_conn.ptnr1_label_asym_id           A 
_struct_conn.ptnr1_label_comp_id           CYS 
_struct_conn.ptnr1_label_seq_id            46 
_struct_conn.ptnr1_label_atom_id           SG 
_struct_conn.pdbx_ptnr1_label_alt_id       ? 
_struct_conn.pdbx_ptnr1_PDB_ins_code       ? 
_struct_conn.pdbx_ptnr1_standard_comp_id   ? 
_struct_conn.ptnr1_symmetry                1_555 
_struct_conn.ptnr2_label_asym_id           A 
_struct_conn.ptnr2_label_comp_id           CYS 
_struct_conn.ptnr2_label_seq_id            52 
_struct_conn.ptnr2_label_atom_id           SG 
_struct_conn.pdbx_ptnr2_label_alt_id       ? 
_struct_conn.pdbx_ptnr2_PDB_ins_code       ? 
_struct_conn.ptnr1_auth_asym_id            A 
_struct_conn.ptnr1_auth_comp_id            CYS 
_struct_conn.ptnr1_auth_seq_id             69 
_struct_conn.ptnr2_auth_asym_id            A 
_struct_conn.ptnr2_auth_comp_id            CYS 
_struct_conn.ptnr2_auth_seq_id             75 
_struct_conn.ptnr2_symmetry                1_555 
_struct_conn.pdbx_ptnr3_label_atom_id      ? 
_struct_conn.pdbx_ptnr3_label_seq_id       ? 
_struct_conn.pdbx_ptnr3_label_comp_id      ? 
_struct_conn.pdbx_ptnr3_label_asym_id      ? 
_struct_conn.pdbx_ptnr3_label_alt_id       ? 
_struct_conn.pdbx_ptnr3_PDB_ins_code       ? 
_struct_conn.details                       ? 
_struct_conn.pdbx_dist_value               2.042 
_struct_conn.pdbx_value_order              ? 
_struct_conn.pdbx_role                     ? 
# 
_struct_conn_type.id          disulf 
_struct_conn_type.criteria    ? 
_struct_conn_type.reference   ? 
# 
_pdbx_modification_feature.ordinal                            1 
_pdbx_modification_feature.label_comp_id                      CYS 
_pdbx_modification_feature.label_asym_id                      A 
_pdbx_modification_feature.label_seq_id                       46 
_pdbx_modification_feature.label_alt_id                       ? 
_pdbx_modification_feature.modified_residue_label_comp_id     CYS 
_pdbx_modification_feature.modified_residue_label_asym_id     A 
_pdbx_modification_feature.modified_residue_label_seq_id      52 
_pdbx_modification_feature.modified_residue_label_alt_id      ? 
_pdbx_modification_feature.auth_comp_id                       CYS 
_pdbx_modification_feature.auth_asym_id                       A 
_pdbx_modification_feature.auth_seq_id                        69 
_pdbx_modification_feature.PDB_ins_code                       ? 
_pdbx_modification_feature.symmetry                           1_555 
_pdbx_modification_feature.modified_residue_auth_comp_id      CYS 
_pdbx_modification_feature.modified_residue_auth_asym_id      A 
_pdbx_modification_feature.modified_residue_auth_seq_id       75 
_pdbx_modification_feature.modified_residue_PDB_ins_code      ? 
_pdbx_modification_feature.modified_residue_symmetry          1_555 
_pdbx_modification_feature.comp_id_linking_atom               SG 
_pdbx_modification_feature.modified_residue_id_linking_atom   SG 
_pdbx_modification_feature.modified_residue_id                . 
_pdbx_modification_feature.ref_pcm_id                         . 
_pdbx_modification_feature.ref_comp_id                        . 
_pdbx_modification_feature.type                               None 
_pdbx_modification_feature.category                           'Disulfide bridge' 
# 
_struct_site.id                   AC1 
_struct_site.pdbx_evidence_code   Software 
_struct_site.pdbx_auth_asym_id    A 
_struct_site.pdbx_auth_comp_id    EDO 
_struct_site.pdbx_auth_seq_id     201 
_struct_site.pdbx_auth_ins_code   ? 
_struct_site.pdbx_num_residues    1 
_struct_site.details              'binding site for residue EDO A 201' 
# 
_struct_site_gen.id                   1 
_struct_site_gen.site_id              AC1 
_struct_site_gen.pdbx_num_res         1 
_struct_site_gen.label_comp_id        HOH 
_struct_site_gen.label_asym_id        C 
_struct_site_gen.label_seq_id         . 
_struct_site_gen.pdbx_auth_ins_code   ? 
_struct_site_gen.auth_comp_id         HOH 
_struct_site_gen.auth_asym_id         A 
_struct_site_gen.auth_seq_id          303 
_struct_site_gen.label_atom_id        . 
_struct_site_gen.label_alt_id         ? 
_struct_site_gen.symmetry             1_555 
_struct_site_gen.details              ? 
# 
_pdbx_entry_details.entry_id                   6PSH 
_pdbx_entry_details.has_ligand_of_interest     N 
_pdbx_entry_details.compound_details           ? 
_pdbx_entry_details.source_details             ? 
_pdbx_entry_details.nonpolymer_details         ? 
_pdbx_entry_details.sequence_details           ? 
_pdbx_entry_details.has_protein_modification   Y 
# 
loop_
_pdbx_validate_torsion.id 
_pdbx_validate_torsion.PDB_model_num 
_pdbx_validate_torsion.auth_comp_id 
_pdbx_validate_torsion.auth_asym_id 
_pdbx_validate_torsion.auth_seq_id 
_pdbx_validate_torsion.PDB_ins_code 
_pdbx_validate_torsion.label_alt_id 
_pdbx_validate_torsion.phi 
_pdbx_validate_torsion.psi 
1 1 ASP A 67 ? ? -172.67 71.13 
2 1 LYS A 93 ? ? -100.70 61.44 
# 
loop_
_pdbx_struct_special_symmetry.id 
_pdbx_struct_special_symmetry.PDB_model_num 
_pdbx_struct_special_symmetry.auth_asym_id 
_pdbx_struct_special_symmetry.auth_comp_id 
_pdbx_struct_special_symmetry.auth_seq_id 
_pdbx_struct_special_symmetry.PDB_ins_code 
_pdbx_struct_special_symmetry.label_asym_id 
_pdbx_struct_special_symmetry.label_comp_id 
_pdbx_struct_special_symmetry.label_seq_id 
1 1 A HOH 304 ? C HOH . 
2 1 A HOH 308 ? C HOH . 
# 
loop_
_pdbx_unobs_or_zero_occ_residues.id 
_pdbx_unobs_or_zero_occ_residues.PDB_model_num 
_pdbx_unobs_or_zero_occ_residues.polymer_flag 
_pdbx_unobs_or_zero_occ_residues.occupancy_flag 
_pdbx_unobs_or_zero_occ_residues.auth_asym_id 
_pdbx_unobs_or_zero_occ_residues.auth_comp_id 
_pdbx_unobs_or_zero_occ_residues.auth_seq_id 
_pdbx_unobs_or_zero_occ_residues.PDB_ins_code 
_pdbx_unobs_or_zero_occ_residues.label_asym_id 
_pdbx_unobs_or_zero_occ_residues.label_comp_id 
_pdbx_unobs_or_zero_occ_residues.label_seq_id 
1  1 Y 1 A MET 24  ? A MET 1  
2  1 Y 1 A GLU 95  ? A GLU 72 
3  1 Y 1 A THR 96  ? A THR 73 
4  1 Y 1 A GLU 97  ? A GLU 74 
5  1 Y 1 A LYS 98  ? A LYS 75 
6  1 Y 1 A LEU 99  ? A LEU 76 
7  1 Y 1 A ALA 100 ? A ALA 77 
8  1 Y 1 A ALA 101 ? A ALA 78 
9  1 Y 1 A ALA 102 ? A ALA 79 
10 1 Y 1 A LEU 103 ? A LEU 80 
11 1 Y 1 A GLU 104 ? A GLU 81 
12 1 Y 1 A HIS 105 ? A HIS 82 
13 1 Y 1 A HIS 106 ? A HIS 83 
14 1 Y 1 A HIS 107 ? A HIS 84 
15 1 Y 1 A HIS 108 ? A HIS 85 
16 1 Y 1 A HIS 109 ? A HIS 86 
17 1 Y 1 A HIS 110 ? A HIS 87 
# 
loop_
_chem_comp_atom.comp_id 
_chem_comp_atom.atom_id 
_chem_comp_atom.type_symbol 
_chem_comp_atom.pdbx_aromatic_flag 
_chem_comp_atom.pdbx_stereo_config 
_chem_comp_atom.pdbx_ordinal 
ALA N    N N N 1   
ALA CA   C N S 2   
ALA C    C N N 3   
ALA O    O N N 4   
ALA CB   C N N 5   
ALA OXT  O N N 6   
ALA H    H N N 7   
ALA H2   H N N 8   
ALA HA   H N N 9   
ALA HB1  H N N 10  
ALA HB2  H N N 11  
ALA HB3  H N N 12  
ALA HXT  H N N 13  
ARG N    N N N 14  
ARG CA   C N S 15  
ARG C    C N N 16  
ARG O    O N N 17  
ARG CB   C N N 18  
ARG CG   C N N 19  
ARG CD   C N N 20  
ARG NE   N N N 21  
ARG CZ   C N N 22  
ARG NH1  N N N 23  
ARG NH2  N N N 24  
ARG OXT  O N N 25  
ARG H    H N N 26  
ARG H2   H N N 27  
ARG HA   H N N 28  
ARG HB2  H N N 29  
ARG HB3  H N N 30  
ARG HG2  H N N 31  
ARG HG3  H N N 32  
ARG HD2  H N N 33  
ARG HD3  H N N 34  
ARG HE   H N N 35  
ARG HH11 H N N 36  
ARG HH12 H N N 37  
ARG HH21 H N N 38  
ARG HH22 H N N 39  
ARG HXT  H N N 40  
ASN N    N N N 41  
ASN CA   C N S 42  
ASN C    C N N 43  
ASN O    O N N 44  
ASN CB   C N N 45  
ASN CG   C N N 46  
ASN OD1  O N N 47  
ASN ND2  N N N 48  
ASN OXT  O N N 49  
ASN H    H N N 50  
ASN H2   H N N 51  
ASN HA   H N N 52  
ASN HB2  H N N 53  
ASN HB3  H N N 54  
ASN HD21 H N N 55  
ASN HD22 H N N 56  
ASN HXT  H N N 57  
ASP N    N N N 58  
ASP CA   C N S 59  
ASP C    C N N 60  
ASP O    O N N 61  
ASP CB   C N N 62  
ASP CG   C N N 63  
ASP OD1  O N N 64  
ASP OD2  O N N 65  
ASP OXT  O N N 66  
ASP H    H N N 67  
ASP H2   H N N 68  
ASP HA   H N N 69  
ASP HB2  H N N 70  
ASP HB3  H N N 71  
ASP HD2  H N N 72  
ASP HXT  H N N 73  
CYS N    N N N 74  
CYS CA   C N R 75  
CYS C    C N N 76  
CYS O    O N N 77  
CYS CB   C N N 78  
CYS SG   S N N 79  
CYS OXT  O N N 80  
CYS H    H N N 81  
CYS H2   H N N 82  
CYS HA   H N N 83  
CYS HB2  H N N 84  
CYS HB3  H N N 85  
CYS HG   H N N 86  
CYS HXT  H N N 87  
EDO C1   C N N 88  
EDO O1   O N N 89  
EDO C2   C N N 90  
EDO O2   O N N 91  
EDO H11  H N N 92  
EDO H12  H N N 93  
EDO HO1  H N N 94  
EDO H21  H N N 95  
EDO H22  H N N 96  
EDO HO2  H N N 97  
GLN N    N N N 98  
GLN CA   C N S 99  
GLN C    C N N 100 
GLN O    O N N 101 
GLN CB   C N N 102 
GLN CG   C N N 103 
GLN CD   C N N 104 
GLN OE1  O N N 105 
GLN NE2  N N N 106 
GLN OXT  O N N 107 
GLN H    H N N 108 
GLN H2   H N N 109 
GLN HA   H N N 110 
GLN HB2  H N N 111 
GLN HB3  H N N 112 
GLN HG2  H N N 113 
GLN HG3  H N N 114 
GLN HE21 H N N 115 
GLN HE22 H N N 116 
GLN HXT  H N N 117 
GLU N    N N N 118 
GLU CA   C N S 119 
GLU C    C N N 120 
GLU O    O N N 121 
GLU CB   C N N 122 
GLU CG   C N N 123 
GLU CD   C N N 124 
GLU OE1  O N N 125 
GLU OE2  O N N 126 
GLU OXT  O N N 127 
GLU H    H N N 128 
GLU H2   H N N 129 
GLU HA   H N N 130 
GLU HB2  H N N 131 
GLU HB3  H N N 132 
GLU HG2  H N N 133 
GLU HG3  H N N 134 
GLU HE2  H N N 135 
GLU HXT  H N N 136 
GLY N    N N N 137 
GLY CA   C N N 138 
GLY C    C N N 139 
GLY O    O N N 140 
GLY OXT  O N N 141 
GLY H    H N N 142 
GLY H2   H N N 143 
GLY HA2  H N N 144 
GLY HA3  H N N 145 
GLY HXT  H N N 146 
HIS N    N N N 147 
HIS CA   C N S 148 
HIS C    C N N 149 
HIS O    O N N 150 
HIS CB   C N N 151 
HIS CG   C Y N 152 
HIS ND1  N Y N 153 
HIS CD2  C Y N 154 
HIS CE1  C Y N 155 
HIS NE2  N Y N 156 
HIS OXT  O N N 157 
HIS H    H N N 158 
HIS H2   H N N 159 
HIS HA   H N N 160 
HIS HB2  H N N 161 
HIS HB3  H N N 162 
HIS HD1  H N N 163 
HIS HD2  H N N 164 
HIS HE1  H N N 165 
HIS HE2  H N N 166 
HIS HXT  H N N 167 
HOH O    O N N 168 
HOH H1   H N N 169 
HOH H2   H N N 170 
ILE N    N N N 171 
ILE CA   C N S 172 
ILE C    C N N 173 
ILE O    O N N 174 
ILE CB   C N S 175 
ILE CG1  C N N 176 
ILE CG2  C N N 177 
ILE CD1  C N N 178 
ILE OXT  O N N 179 
ILE H    H N N 180 
ILE H2   H N N 181 
ILE HA   H N N 182 
ILE HB   H N N 183 
ILE HG12 H N N 184 
ILE HG13 H N N 185 
ILE HG21 H N N 186 
ILE HG22 H N N 187 
ILE HG23 H N N 188 
ILE HD11 H N N 189 
ILE HD12 H N N 190 
ILE HD13 H N N 191 
ILE HXT  H N N 192 
LEU N    N N N 193 
LEU CA   C N S 194 
LEU C    C N N 195 
LEU O    O N N 196 
LEU CB   C N N 197 
LEU CG   C N N 198 
LEU CD1  C N N 199 
LEU CD2  C N N 200 
LEU OXT  O N N 201 
LEU H    H N N 202 
LEU H2   H N N 203 
LEU HA   H N N 204 
LEU HB2  H N N 205 
LEU HB3  H N N 206 
LEU HG   H N N 207 
LEU HD11 H N N 208 
LEU HD12 H N N 209 
LEU HD13 H N N 210 
LEU HD21 H N N 211 
LEU HD22 H N N 212 
LEU HD23 H N N 213 
LEU HXT  H N N 214 
LYS N    N N N 215 
LYS CA   C N S 216 
LYS C    C N N 217 
LYS O    O N N 218 
LYS CB   C N N 219 
LYS CG   C N N 220 
LYS CD   C N N 221 
LYS CE   C N N 222 
LYS NZ   N N N 223 
LYS OXT  O N N 224 
LYS H    H N N 225 
LYS H2   H N N 226 
LYS HA   H N N 227 
LYS HB2  H N N 228 
LYS HB3  H N N 229 
LYS HG2  H N N 230 
LYS HG3  H N N 231 
LYS HD2  H N N 232 
LYS HD3  H N N 233 
LYS HE2  H N N 234 
LYS HE3  H N N 235 
LYS HZ1  H N N 236 
LYS HZ2  H N N 237 
LYS HZ3  H N N 238 
LYS HXT  H N N 239 
MET N    N N N 240 
MET CA   C N S 241 
MET C    C N N 242 
MET O    O N N 243 
MET CB   C N N 244 
MET CG   C N N 245 
MET SD   S N N 246 
MET CE   C N N 247 
MET OXT  O N N 248 
MET H    H N N 249 
MET H2   H N N 250 
MET HA   H N N 251 
MET HB2  H N N 252 
MET HB3  H N N 253 
MET HG2  H N N 254 
MET HG3  H N N 255 
MET HE1  H N N 256 
MET HE2  H N N 257 
MET HE3  H N N 258 
MET HXT  H N N 259 
PHE N    N N N 260 
PHE CA   C N S 261 
PHE C    C N N 262 
PHE O    O N N 263 
PHE CB   C N N 264 
PHE CG   C Y N 265 
PHE CD1  C Y N 266 
PHE CD2  C Y N 267 
PHE CE1  C Y N 268 
PHE CE2  C Y N 269 
PHE CZ   C Y N 270 
PHE OXT  O N N 271 
PHE H    H N N 272 
PHE H2   H N N 273 
PHE HA   H N N 274 
PHE HB2  H N N 275 
PHE HB3  H N N 276 
PHE HD1  H N N 277 
PHE HD2  H N N 278 
PHE HE1  H N N 279 
PHE HE2  H N N 280 
PHE HZ   H N N 281 
PHE HXT  H N N 282 
PRO N    N N N 283 
PRO CA   C N S 284 
PRO C    C N N 285 
PRO O    O N N 286 
PRO CB   C N N 287 
PRO CG   C N N 288 
PRO CD   C N N 289 
PRO OXT  O N N 290 
PRO H    H N N 291 
PRO HA   H N N 292 
PRO HB2  H N N 293 
PRO HB3  H N N 294 
PRO HG2  H N N 295 
PRO HG3  H N N 296 
PRO HD2  H N N 297 
PRO HD3  H N N 298 
PRO HXT  H N N 299 
SER N    N N N 300 
SER CA   C N S 301 
SER C    C N N 302 
SER O    O N N 303 
SER CB   C N N 304 
SER OG   O N N 305 
SER OXT  O N N 306 
SER H    H N N 307 
SER H2   H N N 308 
SER HA   H N N 309 
SER HB2  H N N 310 
SER HB3  H N N 311 
SER HG   H N N 312 
SER HXT  H N N 313 
THR N    N N N 314 
THR CA   C N S 315 
THR C    C N N 316 
THR O    O N N 317 
THR CB   C N R 318 
THR OG1  O N N 319 
THR CG2  C N N 320 
THR OXT  O N N 321 
THR H    H N N 322 
THR H2   H N N 323 
THR HA   H N N 324 
THR HB   H N N 325 
THR HG1  H N N 326 
THR HG21 H N N 327 
THR HG22 H N N 328 
THR HG23 H N N 329 
THR HXT  H N N 330 
TYR N    N N N 331 
TYR CA   C N S 332 
TYR C    C N N 333 
TYR O    O N N 334 
TYR CB   C N N 335 
TYR CG   C Y N 336 
TYR CD1  C Y N 337 
TYR CD2  C Y N 338 
TYR CE1  C Y N 339 
TYR CE2  C Y N 340 
TYR CZ   C Y N 341 
TYR OH   O N N 342 
TYR OXT  O N N 343 
TYR H    H N N 344 
TYR H2   H N N 345 
TYR HA   H N N 346 
TYR HB2  H N N 347 
TYR HB3  H N N 348 
TYR HD1  H N N 349 
TYR HD2  H N N 350 
TYR HE1  H N N 351 
TYR HE2  H N N 352 
TYR HH   H N N 353 
TYR HXT  H N N 354 
VAL N    N N N 355 
VAL CA   C N S 356 
VAL C    C N N 357 
VAL O    O N N 358 
VAL CB   C N N 359 
VAL CG1  C N N 360 
VAL CG2  C N N 361 
VAL OXT  O N N 362 
VAL H    H N N 363 
VAL H2   H N N 364 
VAL HA   H N N 365 
VAL HB   H N N 366 
VAL HG11 H N N 367 
VAL HG12 H N N 368 
VAL HG13 H N N 369 
VAL HG21 H N N 370 
VAL HG22 H N N 371 
VAL HG23 H N N 372 
VAL HXT  H N N 373 
# 
loop_
_chem_comp_bond.comp_id 
_chem_comp_bond.atom_id_1 
_chem_comp_bond.atom_id_2 
_chem_comp_bond.value_order 
_chem_comp_bond.pdbx_aromatic_flag 
_chem_comp_bond.pdbx_stereo_config 
_chem_comp_bond.pdbx_ordinal 
ALA N   CA   sing N N 1   
ALA N   H    sing N N 2   
ALA N   H2   sing N N 3   
ALA CA  C    sing N N 4   
ALA CA  CB   sing N N 5   
ALA CA  HA   sing N N 6   
ALA C   O    doub N N 7   
ALA C   OXT  sing N N 8   
ALA CB  HB1  sing N N 9   
ALA CB  HB2  sing N N 10  
ALA CB  HB3  sing N N 11  
ALA OXT HXT  sing N N 12  
ARG N   CA   sing N N 13  
ARG N   H    sing N N 14  
ARG N   H2   sing N N 15  
ARG CA  C    sing N N 16  
ARG CA  CB   sing N N 17  
ARG CA  HA   sing N N 18  
ARG C   O    doub N N 19  
ARG C   OXT  sing N N 20  
ARG CB  CG   sing N N 21  
ARG CB  HB2  sing N N 22  
ARG CB  HB3  sing N N 23  
ARG CG  CD   sing N N 24  
ARG CG  HG2  sing N N 25  
ARG CG  HG3  sing N N 26  
ARG CD  NE   sing N N 27  
ARG CD  HD2  sing N N 28  
ARG CD  HD3  sing N N 29  
ARG NE  CZ   sing N N 30  
ARG NE  HE   sing N N 31  
ARG CZ  NH1  sing N N 32  
ARG CZ  NH2  doub N N 33  
ARG NH1 HH11 sing N N 34  
ARG NH1 HH12 sing N N 35  
ARG NH2 HH21 sing N N 36  
ARG NH2 HH22 sing N N 37  
ARG OXT HXT  sing N N 38  
ASN N   CA   sing N N 39  
ASN N   H    sing N N 40  
ASN N   H2   sing N N 41  
ASN CA  C    sing N N 42  
ASN CA  CB   sing N N 43  
ASN CA  HA   sing N N 44  
ASN C   O    doub N N 45  
ASN C   OXT  sing N N 46  
ASN CB  CG   sing N N 47  
ASN CB  HB2  sing N N 48  
ASN CB  HB3  sing N N 49  
ASN CG  OD1  doub N N 50  
ASN CG  ND2  sing N N 51  
ASN ND2 HD21 sing N N 52  
ASN ND2 HD22 sing N N 53  
ASN OXT HXT  sing N N 54  
ASP N   CA   sing N N 55  
ASP N   H    sing N N 56  
ASP N   H2   sing N N 57  
ASP CA  C    sing N N 58  
ASP CA  CB   sing N N 59  
ASP CA  HA   sing N N 60  
ASP C   O    doub N N 61  
ASP C   OXT  sing N N 62  
ASP CB  CG   sing N N 63  
ASP CB  HB2  sing N N 64  
ASP CB  HB3  sing N N 65  
ASP CG  OD1  doub N N 66  
ASP CG  OD2  sing N N 67  
ASP OD2 HD2  sing N N 68  
ASP OXT HXT  sing N N 69  
CYS N   CA   sing N N 70  
CYS N   H    sing N N 71  
CYS N   H2   sing N N 72  
CYS CA  C    sing N N 73  
CYS CA  CB   sing N N 74  
CYS CA  HA   sing N N 75  
CYS C   O    doub N N 76  
CYS C   OXT  sing N N 77  
CYS CB  SG   sing N N 78  
CYS CB  HB2  sing N N 79  
CYS CB  HB3  sing N N 80  
CYS SG  HG   sing N N 81  
CYS OXT HXT  sing N N 82  
EDO C1  O1   sing N N 83  
EDO C1  C2   sing N N 84  
EDO C1  H11  sing N N 85  
EDO C1  H12  sing N N 86  
EDO O1  HO1  sing N N 87  
EDO C2  O2   sing N N 88  
EDO C2  H21  sing N N 89  
EDO C2  H22  sing N N 90  
EDO O2  HO2  sing N N 91  
GLN N   CA   sing N N 92  
GLN N   H    sing N N 93  
GLN N   H2   sing N N 94  
GLN CA  C    sing N N 95  
GLN CA  CB   sing N N 96  
GLN CA  HA   sing N N 97  
GLN C   O    doub N N 98  
GLN C   OXT  sing N N 99  
GLN CB  CG   sing N N 100 
GLN CB  HB2  sing N N 101 
GLN CB  HB3  sing N N 102 
GLN CG  CD   sing N N 103 
GLN CG  HG2  sing N N 104 
GLN CG  HG3  sing N N 105 
GLN CD  OE1  doub N N 106 
GLN CD  NE2  sing N N 107 
GLN NE2 HE21 sing N N 108 
GLN NE2 HE22 sing N N 109 
GLN OXT HXT  sing N N 110 
GLU N   CA   sing N N 111 
GLU N   H    sing N N 112 
GLU N   H2   sing N N 113 
GLU CA  C    sing N N 114 
GLU CA  CB   sing N N 115 
GLU CA  HA   sing N N 116 
GLU C   O    doub N N 117 
GLU C   OXT  sing N N 118 
GLU CB  CG   sing N N 119 
GLU CB  HB2  sing N N 120 
GLU CB  HB3  sing N N 121 
GLU CG  CD   sing N N 122 
GLU CG  HG2  sing N N 123 
GLU CG  HG3  sing N N 124 
GLU CD  OE1  doub N N 125 
GLU CD  OE2  sing N N 126 
GLU OE2 HE2  sing N N 127 
GLU OXT HXT  sing N N 128 
GLY N   CA   sing N N 129 
GLY N   H    sing N N 130 
GLY N   H2   sing N N 131 
GLY CA  C    sing N N 132 
GLY CA  HA2  sing N N 133 
GLY CA  HA3  sing N N 134 
GLY C   O    doub N N 135 
GLY C   OXT  sing N N 136 
GLY OXT HXT  sing N N 137 
HIS N   CA   sing N N 138 
HIS N   H    sing N N 139 
HIS N   H2   sing N N 140 
HIS CA  C    sing N N 141 
HIS CA  CB   sing N N 142 
HIS CA  HA   sing N N 143 
HIS C   O    doub N N 144 
HIS C   OXT  sing N N 145 
HIS CB  CG   sing N N 146 
HIS CB  HB2  sing N N 147 
HIS CB  HB3  sing N N 148 
HIS CG  ND1  sing Y N 149 
HIS CG  CD2  doub Y N 150 
HIS ND1 CE1  doub Y N 151 
HIS ND1 HD1  sing N N 152 
HIS CD2 NE2  sing Y N 153 
HIS CD2 HD2  sing N N 154 
HIS CE1 NE2  sing Y N 155 
HIS CE1 HE1  sing N N 156 
HIS NE2 HE2  sing N N 157 
HIS OXT HXT  sing N N 158 
HOH O   H1   sing N N 159 
HOH O   H2   sing N N 160 
ILE N   CA   sing N N 161 
ILE N   H    sing N N 162 
ILE N   H2   sing N N 163 
ILE CA  C    sing N N 164 
ILE CA  CB   sing N N 165 
ILE CA  HA   sing N N 166 
ILE C   O    doub N N 167 
ILE C   OXT  sing N N 168 
ILE CB  CG1  sing N N 169 
ILE CB  CG2  sing N N 170 
ILE CB  HB   sing N N 171 
ILE CG1 CD1  sing N N 172 
ILE CG1 HG12 sing N N 173 
ILE CG1 HG13 sing N N 174 
ILE CG2 HG21 sing N N 175 
ILE CG2 HG22 sing N N 176 
ILE CG2 HG23 sing N N 177 
ILE CD1 HD11 sing N N 178 
ILE CD1 HD12 sing N N 179 
ILE CD1 HD13 sing N N 180 
ILE OXT HXT  sing N N 181 
LEU N   CA   sing N N 182 
LEU N   H    sing N N 183 
LEU N   H2   sing N N 184 
LEU CA  C    sing N N 185 
LEU CA  CB   sing N N 186 
LEU CA  HA   sing N N 187 
LEU C   O    doub N N 188 
LEU C   OXT  sing N N 189 
LEU CB  CG   sing N N 190 
LEU CB  HB2  sing N N 191 
LEU CB  HB3  sing N N 192 
LEU CG  CD1  sing N N 193 
LEU CG  CD2  sing N N 194 
LEU CG  HG   sing N N 195 
LEU CD1 HD11 sing N N 196 
LEU CD1 HD12 sing N N 197 
LEU CD1 HD13 sing N N 198 
LEU CD2 HD21 sing N N 199 
LEU CD2 HD22 sing N N 200 
LEU CD2 HD23 sing N N 201 
LEU OXT HXT  sing N N 202 
LYS N   CA   sing N N 203 
LYS N   H    sing N N 204 
LYS N   H2   sing N N 205 
LYS CA  C    sing N N 206 
LYS CA  CB   sing N N 207 
LYS CA  HA   sing N N 208 
LYS C   O    doub N N 209 
LYS C   OXT  sing N N 210 
LYS CB  CG   sing N N 211 
LYS CB  HB2  sing N N 212 
LYS CB  HB3  sing N N 213 
LYS CG  CD   sing N N 214 
LYS CG  HG2  sing N N 215 
LYS CG  HG3  sing N N 216 
LYS CD  CE   sing N N 217 
LYS CD  HD2  sing N N 218 
LYS CD  HD3  sing N N 219 
LYS CE  NZ   sing N N 220 
LYS CE  HE2  sing N N 221 
LYS CE  HE3  sing N N 222 
LYS NZ  HZ1  sing N N 223 
LYS NZ  HZ2  sing N N 224 
LYS NZ  HZ3  sing N N 225 
LYS OXT HXT  sing N N 226 
MET N   CA   sing N N 227 
MET N   H    sing N N 228 
MET N   H2   sing N N 229 
MET CA  C    sing N N 230 
MET CA  CB   sing N N 231 
MET CA  HA   sing N N 232 
MET C   O    doub N N 233 
MET C   OXT  sing N N 234 
MET CB  CG   sing N N 235 
MET CB  HB2  sing N N 236 
MET CB  HB3  sing N N 237 
MET CG  SD   sing N N 238 
MET CG  HG2  sing N N 239 
MET CG  HG3  sing N N 240 
MET SD  CE   sing N N 241 
MET CE  HE1  sing N N 242 
MET CE  HE2  sing N N 243 
MET CE  HE3  sing N N 244 
MET OXT HXT  sing N N 245 
PHE N   CA   sing N N 246 
PHE N   H    sing N N 247 
PHE N   H2   sing N N 248 
PHE CA  C    sing N N 249 
PHE CA  CB   sing N N 250 
PHE CA  HA   sing N N 251 
PHE C   O    doub N N 252 
PHE C   OXT  sing N N 253 
PHE CB  CG   sing N N 254 
PHE CB  HB2  sing N N 255 
PHE CB  HB3  sing N N 256 
PHE CG  CD1  doub Y N 257 
PHE CG  CD2  sing Y N 258 
PHE CD1 CE1  sing Y N 259 
PHE CD1 HD1  sing N N 260 
PHE CD2 CE2  doub Y N 261 
PHE CD2 HD2  sing N N 262 
PHE CE1 CZ   doub Y N 263 
PHE CE1 HE1  sing N N 264 
PHE CE2 CZ   sing Y N 265 
PHE CE2 HE2  sing N N 266 
PHE CZ  HZ   sing N N 267 
PHE OXT HXT  sing N N 268 
PRO N   CA   sing N N 269 
PRO N   CD   sing N N 270 
PRO N   H    sing N N 271 
PRO CA  C    sing N N 272 
PRO CA  CB   sing N N 273 
PRO CA  HA   sing N N 274 
PRO C   O    doub N N 275 
PRO C   OXT  sing N N 276 
PRO CB  CG   sing N N 277 
PRO CB  HB2  sing N N 278 
PRO CB  HB3  sing N N 279 
PRO CG  CD   sing N N 280 
PRO CG  HG2  sing N N 281 
PRO CG  HG3  sing N N 282 
PRO CD  HD2  sing N N 283 
PRO CD  HD3  sing N N 284 
PRO OXT HXT  sing N N 285 
SER N   CA   sing N N 286 
SER N   H    sing N N 287 
SER N   H2   sing N N 288 
SER CA  C    sing N N 289 
SER CA  CB   sing N N 290 
SER CA  HA   sing N N 291 
SER C   O    doub N N 292 
SER C   OXT  sing N N 293 
SER CB  OG   sing N N 294 
SER CB  HB2  sing N N 295 
SER CB  HB3  sing N N 296 
SER OG  HG   sing N N 297 
SER OXT HXT  sing N N 298 
THR N   CA   sing N N 299 
THR N   H    sing N N 300 
THR N   H2   sing N N 301 
THR CA  C    sing N N 302 
THR CA  CB   sing N N 303 
THR CA  HA   sing N N 304 
THR C   O    doub N N 305 
THR C   OXT  sing N N 306 
THR CB  OG1  sing N N 307 
THR CB  CG2  sing N N 308 
THR CB  HB   sing N N 309 
THR OG1 HG1  sing N N 310 
THR CG2 HG21 sing N N 311 
THR CG2 HG22 sing N N 312 
THR CG2 HG23 sing N N 313 
THR OXT HXT  sing N N 314 
TYR N   CA   sing N N 315 
TYR N   H    sing N N 316 
TYR N   H2   sing N N 317 
TYR CA  C    sing N N 318 
TYR CA  CB   sing N N 319 
TYR CA  HA   sing N N 320 
TYR C   O    doub N N 321 
TYR C   OXT  sing N N 322 
TYR CB  CG   sing N N 323 
TYR CB  HB2  sing N N 324 
TYR CB  HB3  sing N N 325 
TYR CG  CD1  doub Y N 326 
TYR CG  CD2  sing Y N 327 
TYR CD1 CE1  sing Y N 328 
TYR CD1 HD1  sing N N 329 
TYR CD2 CE2  doub Y N 330 
TYR CD2 HD2  sing N N 331 
TYR CE1 CZ   doub Y N 332 
TYR CE1 HE1  sing N N 333 
TYR CE2 CZ   sing Y N 334 
TYR CE2 HE2  sing N N 335 
TYR CZ  OH   sing N N 336 
TYR OH  HH   sing N N 337 
TYR OXT HXT  sing N N 338 
VAL N   CA   sing N N 339 
VAL N   H    sing N N 340 
VAL N   H2   sing N N 341 
VAL CA  C    sing N N 342 
VAL CA  CB   sing N N 343 
VAL CA  HA   sing N N 344 
VAL C   O    doub N N 345 
VAL C   OXT  sing N N 346 
VAL CB  CG1  sing N N 347 
VAL CB  CG2  sing N N 348 
VAL CB  HB   sing N N 349 
VAL CG1 HG11 sing N N 350 
VAL CG1 HG12 sing N N 351 
VAL CG1 HG13 sing N N 352 
VAL CG2 HG21 sing N N 353 
VAL CG2 HG22 sing N N 354 
VAL CG2 HG23 sing N N 355 
VAL OXT HXT  sing N N 356 
# 
_pdbx_audit_support.funding_organization   'Welch Foundation' 
_pdbx_audit_support.country                'United States' 
_pdbx_audit_support.grant_number           A-0015 
_pdbx_audit_support.ordinal                1 
# 
_atom_sites.entry_id                    6PSH 
_atom_sites.Cartn_transf_matrix[1][1]   ? 
_atom_sites.Cartn_transf_matrix[1][2]   ? 
_atom_sites.Cartn_transf_matrix[1][3]   ? 
_atom_sites.Cartn_transf_matrix[2][1]   ? 
_atom_sites.Cartn_transf_matrix[2][2]   ? 
_atom_sites.Cartn_transf_matrix[2][3]   ? 
_atom_sites.Cartn_transf_matrix[3][1]   ? 
_atom_sites.Cartn_transf_matrix[3][2]   ? 
_atom_sites.Cartn_transf_matrix[3][3]   ? 
_atom_sites.Cartn_transf_vector[1]      ? 
_atom_sites.Cartn_transf_vector[2]      ? 
_atom_sites.Cartn_transf_vector[3]      ? 
_atom_sites.fract_transf_matrix[1][1]   -0.01722568 
_atom_sites.fract_transf_matrix[1][2]   -0.00372961 
_atom_sites.fract_transf_matrix[1][3]   -0.01494115 
_atom_sites.fract_transf_matrix[2][1]   -0.02150350 
_atom_sites.fract_transf_matrix[2][2]   -0.00335248 
_atom_sites.fract_transf_matrix[2][3]   0.00776193 
_atom_sites.fract_transf_matrix[3][1]   -0.00144043 
_atom_sites.fract_transf_matrix[3][2]   0.00829188 
_atom_sites.fract_transf_matrix[3][3]   -0.00040915 
_atom_sites.fract_transf_vector[1]      0.663126 
_atom_sites.fract_transf_vector[2]      0.128259 
_atom_sites.fract_transf_vector[3]      0.489403 
_atom_sites.solution_primary            ? 
_atom_sites.solution_secondary          ? 
_atom_sites.solution_hydrogens          ? 
_atom_sites.special_details             ? 
# 
loop_
_atom_type.symbol 
C  
N  
O  
S  
SE 
# 
loop_
_atom_site.group_PDB 
_atom_site.id 
_atom_site.type_symbol 
_atom_site.label_atom_id 
_atom_site.label_alt_id 
_atom_site.label_comp_id 
_atom_site.label_asym_id 
_atom_site.label_entity_id 
_atom_site.label_seq_id 
_atom_site.pdbx_PDB_ins_code 
_atom_site.Cartn_x 
_atom_site.Cartn_y 
_atom_site.Cartn_z 
_atom_site.occupancy 
_atom_site.B_iso_or_equiv 
_atom_site.pdbx_formal_charge 
_atom_site.auth_seq_id 
_atom_site.auth_comp_id 
_atom_site.auth_asym_id 
_atom_site.auth_atom_id 
_atom_site.pdbx_PDB_model_num 
ATOM   1   N N   . ASN A 1 2  ? 35.869  12.524  3.113   1.00 100.67 ? 25  ASN A N   1 
ATOM   2   C CA  . ASN A 1 2  ? 35.547  11.446  2.182   1.00 102.47 ? 25  ASN A CA  1 
ATOM   3   C C   . ASN A 1 2  ? 34.042  11.229  2.090   1.00 100.92 ? 25  ASN A C   1 
ATOM   4   O O   . ASN A 1 2  ? 33.573  10.153  1.715   1.00 101.21 ? 25  ASN A O   1 
ATOM   5   C CB  . ASN A 1 2  ? 36.244  10.153  2.601   1.00 92.78  ? 25  ASN A CB  1 
ATOM   6   C CG  . ASN A 1 2  ? 37.032  9.532   1.470   1.00 104.95 ? 25  ASN A CG  1 
ATOM   7   O OD1 . ASN A 1 2  ? 36.791  9.830   0.301   1.00 90.86  ? 25  ASN A OD1 1 
ATOM   8   N ND2 . ASN A 1 2  ? 37.984  8.670   1.811   1.00 96.50  ? 25  ASN A ND2 1 
ATOM   9   N N   . VAL A 1 3  ? 33.290  12.270  2.432   1.00 107.22 ? 26  VAL A N   1 
ATOM   10  C CA  . VAL A 1 3  ? 31.833  12.231  2.459   1.00 114.53 ? 26  VAL A CA  1 
ATOM   11  C C   . VAL A 1 3  ? 31.345  13.429  1.647   1.00 107.47 ? 26  VAL A C   1 
ATOM   12  O O   . VAL A 1 3  ? 31.411  14.573  2.111   1.00 94.96  ? 26  VAL A O   1 
ATOM   13  C CB  . VAL A 1 3  ? 31.278  12.251  3.888   1.00 113.77 ? 26  VAL A CB  1 
ATOM   14  C CG1 . VAL A 1 3  ? 31.292  10.847  4.468   1.00 102.22 ? 26  VAL A CG1 1 
ATOM   15  C CG2 . VAL A 1 3  ? 32.107  13.183  4.769   1.00 100.12 ? 26  VAL A CG2 1 
ATOM   16  N N   . ASP A 1 4  ? 30.856  13.167  0.433   1.00 103.18 ? 27  ASP A N   1 
ATOM   17  C CA  . ASP A 1 4  ? 30.464  14.190  -0.530  1.00 92.00  ? 27  ASP A CA  1 
ATOM   18  C C   . ASP A 1 4  ? 29.321  15.048  0.000   1.00 95.87  ? 27  ASP A C   1 
ATOM   19  O O   . ASP A 1 4  ? 28.157  14.627  -0.035  1.00 95.23  ? 27  ASP A O   1 
ATOM   20  C CB  . ASP A 1 4  ? 30.062  13.537  -1.856  1.00 94.04  ? 27  ASP A CB  1 
ATOM   21  C CG  . ASP A 1 4  ? 29.999  14.528  -3.002  1.00 86.91  ? 27  ASP A CG  1 
ATOM   22  O OD1 . ASP A 1 4  ? 30.072  15.748  -2.751  1.00 93.52  ? 27  ASP A OD1 1 
ATOM   23  O OD2 . ASP A 1 4  ? 29.870  14.085  -4.162  1.00 76.28  ? 27  ASP A OD2 1 
ATOM   24  N N   . PRO A 1 5  ? 29.606  16.267  0.465   1.00 95.52  ? 28  PRO A N   1 
ATOM   25  C CA  . PRO A 1 5  ? 28.534  17.130  0.981   1.00 80.95  ? 28  PRO A CA  1 
ATOM   26  C C   . PRO A 1 5  ? 27.638  17.691  -0.106  1.00 82.76  ? 28  PRO A C   1 
ATOM   27  O O   . PRO A 1 5  ? 26.679  18.404  0.209   1.00 96.39  ? 28  PRO A O   1 
ATOM   28  C CB  . PRO A 1 5  ? 29.301  18.256  1.701   1.00 95.40  ? 28  PRO A CB  1 
ATOM   29  C CG  . PRO A 1 5  ? 30.786  17.963  1.487   1.00 100.14 ? 28  PRO A CG  1 
ATOM   30  C CD  . PRO A 1 5  ? 30.877  16.996  0.354   1.00 95.95  ? 28  PRO A CD  1 
ATOM   31  N N   . HIS A 1 6  ? 27.927  17.393  -1.367  1.00 79.50  ? 29  HIS A N   1 
ATOM   32  C CA  . HIS A 1 6  ? 27.160  17.886  -2.502  1.00 69.48  ? 29  HIS A CA  1 
ATOM   33  C C   . HIS A 1 6  ? 26.213  16.840  -3.062  1.00 79.99  ? 29  HIS A C   1 
ATOM   34  O O   . HIS A 1 6  ? 25.068  17.160  -3.398  1.00 80.15  ? 29  HIS A O   1 
ATOM   35  C CB  . HIS A 1 6  ? 28.114  18.360  -3.607  1.00 88.95  ? 29  HIS A CB  1 
ATOM   36  C CG  . HIS A 1 6  ? 29.366  19.005  -3.090  1.00 108.04 ? 29  HIS A CG  1 
ATOM   37  N ND1 . HIS A 1 6  ? 29.389  19.781  -1.949  1.00 111.82 ? 29  HIS A ND1 1 
ATOM   38  C CD2 . HIS A 1 6  ? 30.643  18.963  -3.539  1.00 104.24 ? 29  HIS A CD2 1 
ATOM   39  C CE1 . HIS A 1 6  ? 30.623  20.202  -1.729  1.00 110.39 ? 29  HIS A CE1 1 
ATOM   40  N NE2 . HIS A 1 6  ? 31.403  19.718  -2.679  1.00 111.58 ? 29  HIS A NE2 1 
ATOM   41  N N   . PHE A 1 7  ? 26.677  15.591  -3.172  1.00 80.64  ? 30  PHE A N   1 
ATOM   42  C CA  . PHE A 1 7  ? 25.787  14.488  -3.508  1.00 68.74  ? 30  PHE A CA  1 
ATOM   43  C C   . PHE A 1 7  ? 24.765  14.250  -2.408  1.00 58.14  ? 30  PHE A C   1 
ATOM   44  O O   . PHE A 1 7  ? 23.650  13.796  -2.684  1.00 67.11  ? 30  PHE A O   1 
ATOM   45  C CB  . PHE A 1 7  ? 26.596  13.216  -3.753  1.00 60.38  ? 30  PHE A CB  1 
ATOM   46  C CG  . PHE A 1 7  ? 25.759  11.983  -3.868  1.00 50.27  ? 30  PHE A CG  1 
ATOM   47  C CD1 . PHE A 1 7  ? 25.112  11.682  -5.056  1.00 48.10  ? 30  PHE A CD1 1 
ATOM   48  C CD2 . PHE A 1 7  ? 25.609  11.130  -2.789  1.00 50.73  ? 30  PHE A CD2 1 
ATOM   49  C CE1 . PHE A 1 7  ? 24.335  10.547  -5.171  1.00 55.59  ? 30  PHE A CE1 1 
ATOM   50  C CE2 . PHE A 1 7  ? 24.834  9.995   -2.896  1.00 66.04  ? 30  PHE A CE2 1 
ATOM   51  C CZ  . PHE A 1 7  ? 24.198  9.697   -4.088  1.00 63.11  ? 30  PHE A CZ  1 
ATOM   52  N N   . ASP A 1 8  ? 25.130  14.548  -1.161  1.00 66.40  ? 31  ASP A N   1 
ATOM   53  C CA  . ASP A 1 8  ? 24.221  14.322  -0.045  1.00 60.73  ? 31  ASP A CA  1 
ATOM   54  C C   . ASP A 1 8  ? 22.996  15.218  -0.144  1.00 60.28  ? 31  ASP A C   1 
ATOM   55  O O   . ASP A 1 8  ? 21.855  14.739  -0.110  1.00 54.74  ? 31  ASP A O   1 
ATOM   56  C CB  . ASP A 1 8  ? 24.951  14.564  1.271   1.00 66.24  ? 31  ASP A CB  1 
ATOM   57  C CG  . ASP A 1 8  ? 25.706  13.344  1.739   1.00 85.22  ? 31  ASP A CG  1 
ATOM   58  O OD1 . ASP A 1 8  ? 25.811  12.379  0.951   1.00 74.28  ? 31  ASP A OD1 1 
ATOM   59  O OD2 . ASP A 1 8  ? 26.176  13.337  2.896   1.00 94.08  ? 31  ASP A OD2 1 
ATOM   60  N N   . LYS A 1 9  ? 23.212  16.526  -0.272  1.00 62.45  ? 32  LYS A N   1 
ATOM   61  C CA  . LYS A 1 9  ? 22.077  17.433  -0.374  1.00 54.30  ? 32  LYS A CA  1 
ATOM   62  C C   . LYS A 1 9  ? 21.308  17.219  -1.673  1.00 52.94  ? 32  LYS A C   1 
ATOM   63  O O   . LYS A 1 9  ? 20.113  17.527  -1.733  1.00 68.90  ? 32  LYS A O   1 
ATOM   64  C CB  . LYS A 1 9  ? 22.560  18.883  -0.236  1.00 74.65  ? 32  LYS A CB  1 
ATOM   65  C CG  . LYS A 1 9  ? 21.487  19.868  0.125   1.00 77.88  ? 32  LYS A CG  1 
ATOM   66  C CD  . LYS A 1 9  ? 21.956  20.965  1.057   1.00 87.55  ? 32  LYS A CD  1 
ATOM   67  C CE  . LYS A 1 9  ? 22.115  20.442  2.465   1.00 91.47  ? 32  LYS A CE  1 
ATOM   68  N NZ  . LYS A 1 9  ? 20.793  20.098  3.111   1.00 90.75  ? 32  LYS A NZ  1 
ATOM   69  N N   . PHE A 1 10 ? 21.965  16.686  -2.711  1.00 51.74  ? 33  PHE A N   1 
ATOM   70  C CA  . PHE A 1 10 ? 21.254  16.267  -3.915  1.00 43.36  ? 33  PHE A CA  1 
ATOM   71  C C   . PHE A 1 10 ? 20.287  15.132  -3.607  1.00 41.55  ? 33  PHE A C   1 
ATOM   72  O O   . PHE A 1 10 ? 19.124  15.157  -4.033  1.00 29.98  ? 33  PHE A O   1 
ATOM   73  C CB  . PHE A 1 10 ? 22.261  15.829  -4.987  1.00 44.76  ? 33  PHE A CB  1 
ATOM   74  C CG  . PHE A 1 10 ? 21.636  15.191  -6.208  1.00 40.00  ? 33  PHE A CG  1 
ATOM   75  C CD1 . PHE A 1 10 ? 20.911  15.951  -7.116  1.00 39.26  ? 33  PHE A CD1 1 
ATOM   76  C CD2 . PHE A 1 10 ? 21.791  13.832  -6.459  1.00 47.27  ? 33  PHE A CD2 1 
ATOM   77  C CE1 . PHE A 1 10 ? 20.342  15.365  -8.241  1.00 47.46  ? 33  PHE A CE1 1 
ATOM   78  C CE2 . PHE A 1 10 ? 21.224  13.240  -7.589  1.00 33.26  ? 33  PHE A CE2 1 
ATOM   79  C CZ  . PHE A 1 10 ? 20.500  14.007  -8.477  1.00 49.80  ? 33  PHE A CZ  1 
ATOM   80  N N   . MET A 1 11 ? 20.756  14.127  -2.866  1.00 38.64  ? 34  MET A N   1 
ATOM   81  C CA  A MET A 1 11 ? 19.924  12.973  -2.539  0.47 46.77  ? 34  MET A CA  1 
ATOM   82  C CA  B MET A 1 11 ? 19.901  12.987  -2.567  0.53 47.05  ? 34  MET A CA  1 
ATOM   83  C C   . MET A 1 11 ? 18.779  13.368  -1.609  1.00 34.22  ? 34  MET A C   1 
ATOM   84  O O   . MET A 1 11 ? 17.617  13.021  -1.852  1.00 39.98  ? 34  MET A O   1 
ATOM   85  C CB  A MET A 1 11 ? 20.794  11.882  -1.905  0.47 37.31  ? 34  MET A CB  1 
ATOM   86  C CB  B MET A 1 11 ? 20.729  11.833  -2.006  0.53 37.28  ? 34  MET A CB  1 
ATOM   87  C CG  A MET A 1 11 ? 20.095  10.569  -1.629  0.47 43.88  ? 34  MET A CG  1 
ATOM   88  C CG  B MET A 1 11 ? 21.111  10.842  -3.073  0.53 36.94  ? 34  MET A CG  1 
ATOM   89  S SD  A MET A 1 11 ? 20.198  9.398   -2.996  0.47 47.32  ? 34  MET A SD  1 
ATOM   90  S SD  B MET A 1 11 ? 19.740  9.773   -3.551  0.53 37.85  ? 34  MET A SD  1 
ATOM   91  C CE  A MET A 1 11 ? 18.708  9.832   -3.877  0.47 25.65  ? 34  MET A CE  1 
ATOM   92  C CE  B MET A 1 11 ? 19.954  8.470   -2.348  0.53 30.78  ? 34  MET A CE  1 
ATOM   93  N N   . GLU A 1 12 ? 19.099  14.093  -0.535  1.00 39.07  ? 35  GLU A N   1 
ATOM   94  C CA  . GLU A 1 12 ? 18.065  14.531  0.399   1.00 47.78  ? 35  GLU A CA  1 
ATOM   95  C C   . GLU A 1 12 ? 16.938  15.251  -0.329  1.00 47.70  ? 35  GLU A C   1 
ATOM   96  O O   . GLU A 1 12 ? 15.762  14.913  -0.158  1.00 44.92  ? 35  GLU A O   1 
ATOM   97  C CB  . GLU A 1 12 ? 18.659  15.435  1.479   1.00 58.50  ? 35  GLU A CB  1 
ATOM   98  C CG  . GLU A 1 12 ? 17.626  15.845  2.522   1.00 67.90  ? 35  GLU A CG  1 
ATOM   99  C CD  . GLU A 1 12 ? 17.693  17.309  2.903   1.00 73.45  ? 35  GLU A CD  1 
ATOM   100 O OE1 . GLU A 1 12 ? 16.657  17.846  3.352   1.00 65.77  ? 35  GLU A OE1 1 
ATOM   101 O OE2 . GLU A 1 12 ? 18.778  17.912  2.770   1.00 91.30  ? 35  GLU A OE2 1 
ATOM   102 N N   . SER A 1 13 ? 17.283  16.239  -1.163  1.00 41.86  ? 36  SER A N   1 
ATOM   103 C CA  . SER A 1 13 ? 16.266  16.932  -1.946  1.00 30.48  ? 36  SER A CA  1 
ATOM   104 C C   . SER A 1 13 ? 15.548  15.981  -2.881  1.00 31.84  ? 36  SER A C   1 
ATOM   105 O O   . SER A 1 13 ? 14.326  16.069  -3.051  1.00 41.75  ? 36  SER A O   1 
ATOM   106 C CB  . SER A 1 13 ? 16.887  18.069  -2.752  1.00 45.00  ? 36  SER A CB  1 
ATOM   107 O OG  . SER A 1 13 ? 16.027  18.430  -3.824  1.00 38.51  ? 36  SER A OG  1 
ATOM   108 N N   . GLY A 1 14 ? 16.287  15.072  -3.515  1.00 32.91  ? 37  GLY A N   1 
ATOM   109 C CA  . GLY A 1 14 ? 15.644  14.128  -4.414  1.00 32.15  ? 37  GLY A CA  1 
ATOM   110 C C   . GLY A 1 14 ? 14.718  13.168  -3.687  1.00 27.51  ? 37  GLY A C   1 
ATOM   111 O O   . GLY A 1 14 ? 13.642  12.826  -4.186  1.00 29.67  ? 37  GLY A O   1 
ATOM   112 N N   . ILE A 1 15 ? 15.126  12.711  -2.505  1.00 31.59  ? 38  ILE A N   1 
ATOM   113 C CA  . ILE A 1 15 ? 14.267  11.803  -1.747  1.00 35.42  ? 38  ILE A CA  1 
ATOM   114 C C   . ILE A 1 15 ? 13.016  12.531  -1.267  1.00 32.61  ? 38  ILE A C   1 
ATOM   115 O O   . ILE A 1 15 ? 11.893  12.024  -1.415  1.00 30.13  ? 38  ILE A O   1 
ATOM   116 C CB  . ILE A 1 15 ? 15.051  11.167  -0.584  1.00 37.70  ? 38  ILE A CB  1 
ATOM   117 C CG1 . ILE A 1 15 ? 16.098  10.204  -1.140  1.00 33.21  ? 38  ILE A CG1 1 
ATOM   118 C CG2 . ILE A 1 15 ? 14.109  10.437  0.383   1.00 34.54  ? 38  ILE A CG2 1 
ATOM   119 C CD1 . ILE A 1 15 ? 16.981  9.572   -0.098  1.00 57.05  ? 38  ILE A CD1 1 
ATOM   120 N N   . ARG A 1 16 ? 13.180  13.755  -0.747  1.00 29.42  ? 39  ARG A N   1 
ATOM   121 C CA  . ARG A 1 16 ? 12.030  14.524  -0.258  1.00 36.41  ? 39  ARG A CA  1 
ATOM   122 C C   . ARG A 1 16 ? 11.010  14.774  -1.358  1.00 45.07  ? 39  ARG A C   1 
ATOM   123 O O   . ARG A 1 16 ? 9.798   14.645  -1.136  1.00 34.92  ? 39  ARG A O   1 
ATOM   124 C CB  . ARG A 1 16 ? 12.484  15.859  0.325   1.00 40.24  ? 39  ARG A CB  1 
ATOM   125 C CG  . ARG A 1 16 ? 13.137  15.747  1.685   1.00 48.47  ? 39  ARG A CG  1 
ATOM   126 C CD  . ARG A 1 16 ? 13.462  17.114  2.293   1.00 45.84  ? 39  ARG A CD  1 
ATOM   127 N NE  . ARG A 1 16 ? 13.977  16.955  3.647   1.00 60.17  ? 39  ARG A NE  1 
ATOM   128 C CZ  . ARG A 1 16 ? 13.218  16.789  4.722   1.00 45.66  ? 39  ARG A CZ  1 
ATOM   129 N NH1 . ARG A 1 16 ? 11.893  16.789  4.611   1.00 57.96  ? 39  ARG A NH1 1 
ATOM   130 N NH2 . ARG A 1 16 ? 13.786  16.635  5.910   1.00 73.22  ? 39  ARG A NH2 1 
ATOM   131 N N   . HIS A 1 17 ? 11.477  15.138  -2.550  1.00 39.84  ? 40  HIS A N   1 
ATOM   132 C CA  . HIS A 1 17 ? 10.541  15.454  -3.618  1.00 37.36  ? 40  HIS A CA  1 
ATOM   133 C C   . HIS A 1 17 ? 9.848   14.205  -4.137  1.00 35.48  ? 40  HIS A C   1 
ATOM   134 O O   . HIS A 1 17 ? 8.684   14.268  -4.542  1.00 39.74  ? 40  HIS A O   1 
ATOM   135 C CB  . HIS A 1 17 ? 11.260  16.192  -4.746  1.00 40.40  ? 40  HIS A CB  1 
ATOM   136 C CG  . HIS A 1 17 ? 11.381  17.661  -4.506  1.00 44.32  ? 40  HIS A CG  1 
ATOM   137 N ND1 . HIS A 1 17 ? 12.434  18.216  -3.809  1.00 51.41  ? 40  HIS A ND1 1 
ATOM   138 C CD2 . HIS A 1 17 ? 10.566  18.689  -4.839  1.00 38.52  ? 40  HIS A CD2 1 
ATOM   139 C CE1 . HIS A 1 17 ? 12.269  19.524  -3.736  1.00 44.08  ? 40  HIS A CE1 1 
ATOM   140 N NE2 . HIS A 1 17 ? 11.143  19.836  -4.350  1.00 51.02  ? 40  HIS A NE2 1 
ATOM   141 N N   . VAL A 1 18 ? 10.543  13.063  -4.148  1.00 38.60  ? 41  VAL A N   1 
ATOM   142 C CA  . VAL A 1 18 ? 9.864   11.821  -4.512  1.00 48.30  ? 41  VAL A CA  1 
ATOM   143 C C   . VAL A 1 18 ? 8.833   11.457  -3.448  1.00 32.75  ? 41  VAL A C   1 
ATOM   144 O O   . VAL A 1 18 ? 7.725   11.011  -3.766  1.00 31.17  ? 41  VAL A O   1 
ATOM   145 C CB  . VAL A 1 18 ? 10.877  10.683  -4.741  1.00 31.74  ? 41  VAL A CB  1 
ATOM   146 C CG1 . VAL A 1 18 ? 10.181  9.352   -4.707  1.00 38.07  ? 41  VAL A CG1 1 
ATOM   147 C CG2 . VAL A 1 18 ? 11.566  10.854  -6.085  1.00 45.70  ? 41  VAL A CG2 1 
ATOM   148 N N   . TYR A 1 19 ? 9.166   11.671  -2.174  1.00 27.62  ? 42  TYR A N   1 
ATOM   149 C CA  . TYR A 1 19 ? 8.176   11.454  -1.120  1.00 45.20  ? 42  TYR A CA  1 
ATOM   150 C C   . TYR A 1 19 ? 6.933   12.307  -1.363  1.00 41.76  ? 42  TYR A C   1 
ATOM   151 O O   . TYR A 1 19 ? 5.808   11.793  -1.394  1.00 34.25  ? 42  TYR A O   1 
ATOM   152 C CB  . TYR A 1 19 ? 8.786   11.757  0.249   1.00 32.62  ? 42  TYR A CB  1 
ATOM   153 C CG  . TYR A 1 19 ? 7.951   11.271  1.420   1.00 55.34  ? 42  TYR A CG  1 
ATOM   154 C CD1 . TYR A 1 19 ? 8.040   9.957   1.875   1.00 48.46  ? 42  TYR A CD1 1 
ATOM   155 C CD2 . TYR A 1 19 ? 7.073   12.134  2.072   1.00 50.04  ? 42  TYR A CD2 1 
ATOM   156 C CE1 . TYR A 1 19 ? 7.274   9.517   2.953   1.00 43.46  ? 42  TYR A CE1 1 
ATOM   157 C CE2 . TYR A 1 19 ? 6.315   11.714  3.141   1.00 50.33  ? 42  TYR A CE2 1 
ATOM   158 C CZ  . TYR A 1 19 ? 6.408   10.405  3.578   1.00 61.32  ? 42  TYR A CZ  1 
ATOM   159 O OH  . TYR A 1 19 ? 5.638   10.000  4.643   1.00 33.08  ? 42  TYR A OH  1 
ATOM   160 N N   . MET A 1 20 ? 7.125   13.614  -1.578  1.00 36.97  ? 43  MET A N   1 
ATOM   161 C CA  . MET A 1 20 ? 5.996   14.501  -1.849  1.00 39.45  ? 43  MET A CA  1 
ATOM   162 C C   . MET A 1 20 ? 5.217   14.068  -3.084  1.00 30.28  ? 43  MET A C   1 
ATOM   163 O O   . MET A 1 20 ? 3.983   14.099  -3.083  1.00 44.14  ? 43  MET A O   1 
ATOM   164 C CB  . MET A 1 20 ? 6.479   15.942  -2.012  1.00 29.54  ? 43  MET A CB  1 
ATOM   165 C CG  . MET A 1 20 ? 7.255   16.478  -0.834  1.00 38.34  ? 43  MET A CG  1 
ATOM   166 S SD  . MET A 1 20 ? 8.191   17.990  -1.192  1.00 51.35  ? 43  MET A SD  1 
ATOM   167 C CE  . MET A 1 20 ? 8.858   18.350  0.425   1.00 37.18  ? 43  MET A CE  1 
ATOM   168 N N   . LEU A 1 21 ? 5.914   13.659  -4.145  1.00 45.95  ? 44  LEU A N   1 
ATOM   169 C CA  . LEU A 1 21 ? 5.226   13.332  -5.390  1.00 34.49  ? 44  LEU A CA  1 
ATOM   170 C C   . LEU A 1 21 ? 4.370   12.088  -5.237  1.00 49.13  ? 44  LEU A C   1 
ATOM   171 O O   . LEU A 1 21 ? 3.316   11.967  -5.872  1.00 44.71  ? 44  LEU A O   1 
ATOM   172 C CB  . LEU A 1 21 ? 6.240   13.140  -6.515  1.00 47.21  ? 44  LEU A CB  1 
ATOM   173 C CG  . LEU A 1 21 ? 6.410   14.303  -7.489  1.00 57.69  ? 44  LEU A CG  1 
ATOM   174 C CD1 . LEU A 1 21 ? 6.664   15.596  -6.735  1.00 46.53  ? 44  LEU A CD1 1 
ATOM   175 C CD2 . LEU A 1 21 ? 7.553   13.998  -8.444  1.00 58.30  ? 44  LEU A CD2 1 
ATOM   176 N N   . PHE A 1 22 ? 4.817   11.139  -4.422  1.00 42.68  ? 45  PHE A N   1 
ATOM   177 C CA  . PHE A 1 22 ? 4.100   9.887   -4.218  1.00 40.12  ? 45  PHE A CA  1 
ATOM   178 C C   . PHE A 1 22 ? 2.990   9.989   -3.184  1.00 38.68  ? 45  PHE A C   1 
ATOM   179 O O   . PHE A 1 22 ? 2.342   8.979   -2.901  1.00 39.72  ? 45  PHE A O   1 
ATOM   180 C CB  . PHE A 1 22 ? 5.076   8.781   -3.802  1.00 43.24  ? 45  PHE A CB  1 
ATOM   181 C CG  . PHE A 1 22 ? 5.851   8.198   -4.947  1.00 54.14  ? 45  PHE A CG  1 
ATOM   182 C CD1 . PHE A 1 22 ? 6.752   7.176   -4.732  1.00 71.11  ? 45  PHE A CD1 1 
ATOM   183 C CD2 . PHE A 1 22 ? 5.676   8.670   -6.239  1.00 55.21  ? 45  PHE A CD2 1 
ATOM   184 C CE1 . PHE A 1 22 ? 7.466   6.631   -5.780  1.00 65.15  ? 45  PHE A CE1 1 
ATOM   185 C CE2 . PHE A 1 22 ? 6.386   8.133   -7.287  1.00 67.71  ? 45  PHE A CE2 1 
ATOM   186 C CZ  . PHE A 1 22 ? 7.280   7.114   -7.063  1.00 61.90  ? 45  PHE A CZ  1 
ATOM   187 N N   . GLU A 1 23 ? 2.759   11.174  -2.616  1.00 32.99  ? 46  GLU A N   1 
ATOM   188 C CA  . GLU A 1 23 ? 1.781   11.303  -1.538  1.00 46.35  ? 46  GLU A CA  1 
ATOM   189 C C   . GLU A 1 23 ? 0.403   10.832  -1.984  1.00 38.33  ? 46  GLU A C   1 
ATOM   190 O O   . GLU A 1 23 ? -0.215  9.979   -1.337  1.00 40.36  ? 46  GLU A O   1 
ATOM   191 C CB  . GLU A 1 23 ? 1.722   12.751  -1.047  1.00 36.25  ? 46  GLU A CB  1 
ATOM   192 C CG  . GLU A 1 23 ? 0.648   12.985  0.023   1.00 40.23  ? 46  GLU A CG  1 
ATOM   193 C CD  . GLU A 1 23 ? 0.624   14.408  0.568   1.00 43.00  ? 46  GLU A CD  1 
ATOM   194 O OE1 . GLU A 1 23 ? 1.695   14.937  0.940   1.00 58.23  ? 46  GLU A OE1 1 
ATOM   195 O OE2 . GLU A 1 23 ? -0.478  14.991  0.649   1.00 59.71  ? 46  GLU A OE2 1 
ATOM   196 N N   . ASN A 1 24 ? -0.084  11.356  -3.107  1.00 40.14  ? 47  ASN A N   1 
ATOM   197 C CA  . ASN A 1 24 ? -1.440  11.037  -3.532  1.00 42.08  ? 47  ASN A CA  1 
ATOM   198 C C   . ASN A 1 24 ? -1.611  9.552   -3.825  1.00 52.07  ? 47  ASN A C   1 
ATOM   199 O O   . ASN A 1 24 ? -2.681  8.994   -3.565  1.00 53.18  ? 47  ASN A O   1 
ATOM   200 C CB  . ASN A 1 24 ? -1.799  11.883  -4.746  1.00 49.97  ? 47  ASN A CB  1 
ATOM   201 C CG  . ASN A 1 24 ? -2.454  13.181  -4.354  1.00 52.63  ? 47  ASN A CG  1 
ATOM   202 O OD1 . ASN A 1 24 ? -1.779  14.131  -3.948  1.00 62.43  ? 47  ASN A OD1 1 
ATOM   203 N ND2 . ASN A 1 24 ? -3.772  13.237  -4.471  1.00 71.03  ? 47  ASN A ND2 1 
ATOM   204 N N   . LYS A 1 25 ? -0.576  8.892   -4.345  1.00 48.98  ? 48  LYS A N   1 
ATOM   205 C CA  . LYS A 1 25 ? -0.662  7.454   -4.586  1.00 43.20  ? 48  LYS A CA  1 
ATOM   206 C C   . LYS A 1 25 ? -0.670  6.656   -3.290  1.00 36.81  ? 48  LYS A C   1 
ATOM   207 O O   . LYS A 1 25 ? -1.436  5.692   -3.160  1.00 39.00  ? 48  LYS A O   1 
ATOM   208 C CB  . LYS A 1 25 ? 0.494   6.987   -5.476  1.00 59.47  ? 48  LYS A CB  1 
ATOM   209 C CG  . LYS A 1 25 ? 0.881   5.509   -5.286  1.00 66.43  ? 48  LYS A CG  1 
ATOM   210 C CD  . LYS A 1 25 ? 2.099   5.355   -4.362  1.00 65.13  ? 48  LYS A CD  1 
ATOM   211 C CE  . LYS A 1 25 ? 2.499   3.899   -4.161  1.00 62.31  ? 48  LYS A CE  1 
ATOM   212 N NZ  . LYS A 1 25 ? 1.486   3.147   -3.370  1.00 71.56  ? 48  LYS A NZ  1 
ATOM   213 N N   . SER A 1 26 ? 0.193   7.015   -2.335  1.00 35.37  ? 49  SER A N   1 
ATOM   214 C CA  . SER A 1 26 ? 0.256   6.240   -1.102  1.00 42.63  ? 49  SER A CA  1 
ATOM   215 C C   . SER A 1 26 ? -1.031  6.394   -0.310  1.00 38.38  ? 49  SER A C   1 
ATOM   216 O O   . SER A 1 26 ? -1.555  5.418   0.244   1.00 38.15  ? 49  SER A O   1 
ATOM   217 C CB  . SER A 1 26 ? 1.453   6.673   -0.260  1.00 33.48  ? 49  SER A CB  1 
ATOM   218 O OG  . SER A 1 26 ? 2.633   6.735   -1.037  1.00 52.41  ? 49  SER A OG  1 
ATOM   219 N N   . VAL A 1 27 ? -1.553  7.622   -0.258  1.00 37.88  ? 50  VAL A N   1 
ATOM   220 C CA  . VAL A 1 27 ? -2.831  7.891   0.393   1.00 30.41  ? 50  VAL A CA  1 
ATOM   221 C C   . VAL A 1 27 ? -3.948  7.134   -0.308  1.00 45.52  ? 50  VAL A C   1 
ATOM   222 O O   . VAL A 1 27 ? -4.750  6.442   0.329   1.00 33.54  ? 50  VAL A O   1 
ATOM   223 C CB  . VAL A 1 27 ? -3.111  9.406   0.404   1.00 37.35  ? 50  VAL A CB  1 
ATOM   224 C CG1 . VAL A 1 27 ? -4.532  9.691   0.871   1.00 37.02  ? 50  VAL A CG1 1 
ATOM   225 C CG2 . VAL A 1 27 ? -2.100  10.125  1.273   1.00 31.47  ? 50  VAL A CG2 1 
ATOM   226 N N   . GLU A 1 28 ? -4.016  7.258   -1.633  1.00 42.69  ? 51  GLU A N   1 
ATOM   227 C CA  . GLU A 1 28 ? -5.095  6.615   -2.373  1.00 35.51  ? 51  GLU A CA  1 
ATOM   228 C C   . GLU A 1 28 ? -5.104  5.114   -2.120  1.00 49.66  ? 51  GLU A C   1 
ATOM   229 O O   . GLU A 1 28 ? -6.143  4.536   -1.780  1.00 41.48  ? 51  GLU A O   1 
ATOM   230 C CB  . GLU A 1 28 ? -4.959  6.912   -3.867  1.00 49.43  ? 51  GLU A CB  1 
ATOM   231 C CG  . GLU A 1 28 ? -6.252  6.752   -4.630  1.00 69.47  ? 51  GLU A CG  1 
ATOM   232 C CD  . GLU A 1 28 ? -6.221  7.335   -6.035  1.00 81.38  ? 51  GLU A CD  1 
ATOM   233 O OE1 . GLU A 1 28 ? -5.541  8.361   -6.257  1.00 80.38  ? 51  GLU A OE1 1 
ATOM   234 O OE2 . GLU A 1 28 ? -6.887  6.747   -6.916  1.00 77.64  ? 51  GLU A OE2 1 
ATOM   235 N N   . SER A 1 29 ? -3.942  4.474   -2.244  1.00 39.18  ? 52  SER A N   1 
ATOM   236 C CA  . SER A 1 29 ? -3.893  3.026   -2.131  1.00 38.36  ? 52  SER A CA  1 
ATOM   237 C C   . SER A 1 29 ? -4.012  2.564   -0.683  1.00 36.11  ? 52  SER A C   1 
ATOM   238 O O   . SER A 1 29 ? -4.406  1.426   -0.432  1.00 38.97  ? 52  SER A O   1 
ATOM   239 C CB  . SER A 1 29 ? -2.605  2.518   -2.757  1.00 40.93  ? 52  SER A CB  1 
ATOM   240 O OG  . SER A 1 29 ? -1.518  2.868   -1.939  1.00 72.39  ? 52  SER A OG  1 
ATOM   241 N N   . SER A 1 30 ? -3.663  3.418   0.279   1.00 40.49  ? 53  SER A N   1 
ATOM   242 C CA  . SER A 1 30 ? -3.895  3.098   1.684   1.00 34.68  ? 53  SER A CA  1 
ATOM   243 C C   . SER A 1 30 ? -5.378  3.170   2.021   1.00 45.80  ? 53  SER A C   1 
ATOM   244 O O   . SER A 1 30 ? -5.913  2.279   2.690   1.00 33.24  ? 53  SER A O   1 
ATOM   245 C CB  . SER A 1 30 ? -3.109  4.056   2.579   1.00 32.49  ? 53  SER A CB  1 
ATOM   246 O OG  . SER A 1 30 ? -1.740  3.741   2.548   1.00 43.91  ? 53  SER A OG  1 
ATOM   247 N N   . GLU A 1 31 ? -6.050  4.240   1.585   1.00 38.59  ? 54  GLU A N   1 
ATOM   248 C CA  . GLU A 1 31 ? -7.500  4.334   1.737   1.00 56.46  ? 54  GLU A CA  1 
ATOM   249 C C   . GLU A 1 31 ? -8.179  3.109   1.159   1.00 38.68  ? 54  GLU A C   1 
ATOM   250 O O   . GLU A 1 31 ? -9.006  2.470   1.815   1.00 38.20  ? 54  GLU A O   1 
ATOM   251 C CB  . GLU A 1 31 ? -8.060  5.561   1.020   1.00 38.34  ? 54  GLU A CB  1 
ATOM   252 C CG  . GLU A 1 31 ? -7.676  6.906   1.513   1.00 63.79  ? 54  GLU A CG  1 
ATOM   253 C CD  . GLU A 1 31 ? -8.261  7.961   0.604   1.00 72.45  ? 54  GLU A CD  1 
ATOM   254 O OE1 . GLU A 1 31 ? -7.510  8.848   0.148   1.00 68.90  ? 54  GLU A OE1 1 
ATOM   255 O OE2 . GLU A 1 31 ? -9.477  7.876   0.320   1.00 80.01  ? 54  GLU A OE2 1 
ATOM   256 N N   . GLN A 1 32 ? -7.866  2.799   -0.104  1.00 39.97  ? 55  GLN A N   1 
ATOM   257 C CA  . GLN A 1 32 ? -8.570  1.730   -0.802  1.00 37.20  ? 55  GLN A CA  1 
ATOM   258 C C   . GLN A 1 32 ? -8.267  0.374   -0.201  1.00 33.73  ? 55  GLN A C   1 
ATOM   259 O O   . GLN A 1 32 ? -9.166  -0.466  -0.086  1.00 40.75  ? 55  GLN A O   1 
ATOM   260 C CB  . GLN A 1 32 ? -8.227  1.740   -2.287  1.00 46.64  ? 55  GLN A CB  1 
ATOM   261 C CG  . GLN A 1 32 ? -9.031  2.749   -3.058  1.00 61.72  ? 55  GLN A CG  1 
ATOM   262 C CD  . GLN A 1 32 ? -8.424  3.071   -4.391  1.00 91.29  ? 55  GLN A CD  1 
ATOM   263 O OE1 . GLN A 1 32 ? -8.238  2.195   -5.239  1.00 96.86  ? 55  GLN A OE1 1 
ATOM   264 N NE2 . GLN A 1 32 ? -8.123  4.345   -4.598  1.00 98.00  ? 55  GLN A NE2 1 
ATOM   265 N N   . PHE A 1 33 ? -7.019  0.138   0.199   1.00 34.49  ? 56  PHE A N   1 
ATOM   266 C CA  . PHE A 1 33 ? -6.716  -1.123  0.863   1.00 34.59  ? 56  PHE A CA  1 
ATOM   267 C C   . PHE A 1 33 ? -7.616  -1.326  2.077   1.00 36.91  ? 56  PHE A C   1 
ATOM   268 O O   . PHE A 1 33 ? -8.280  -2.363  2.201   1.00 35.60  ? 56  PHE A O   1 
ATOM   269 C CB  . PHE A 1 33 ? -5.254  -1.177  1.279   1.00 44.46  ? 56  PHE A CB  1 
ATOM   270 C CG  . PHE A 1 33 ? -4.921  -2.389  2.088   1.00 38.04  ? 56  PHE A CG  1 
ATOM   271 C CD1 . PHE A 1 33 ? -4.780  -3.619  1.475   1.00 40.09  ? 56  PHE A CD1 1 
ATOM   272 C CD2 . PHE A 1 33 ? -4.778  -2.307  3.461   1.00 36.97  ? 56  PHE A CD2 1 
ATOM   273 C CE1 . PHE A 1 33 ? -4.485  -4.746  2.216   1.00 45.33  ? 56  PHE A CE1 1 
ATOM   274 C CE2 . PHE A 1 33 ? -4.481  -3.427  4.208   1.00 43.15  ? 56  PHE A CE2 1 
ATOM   275 C CZ  . PHE A 1 33 ? -4.329  -4.651  3.583   1.00 33.72  ? 56  PHE A CZ  1 
ATOM   276 N N   A TYR A 1 34 ? -7.641  -0.350  2.985   0.48 39.18  ? 57  TYR A N   1 
ATOM   277 N N   B TYR A 1 34 ? -7.668  -0.331  2.970   0.52 39.46  ? 57  TYR A N   1 
ATOM   278 C CA  A TYR A 1 34 ? -8.477  -0.489  4.172   0.48 38.80  ? 57  TYR A CA  1 
ATOM   279 C CA  B TYR A 1 34 ? -8.465  -0.453  4.192   0.52 38.42  ? 57  TYR A CA  1 
ATOM   280 C C   A TYR A 1 34 ? -9.935  -0.701  3.789   0.48 42.86  ? 57  TYR A C   1 
ATOM   281 C C   B TYR A 1 34 ? -9.952  -0.605  3.881   0.52 42.85  ? 57  TYR A C   1 
ATOM   282 O O   A TYR A 1 34 ? -10.600 -1.605  4.306   0.48 34.33  ? 57  TYR A O   1 
ATOM   283 O O   B TYR A 1 34 ? -10.652 -1.385  4.537   0.52 34.36  ? 57  TYR A O   1 
ATOM   284 C CB  A TYR A 1 34 ? -8.353  0.738   5.073   0.48 44.13  ? 57  TYR A CB  1 
ATOM   285 C CB  B TYR A 1 34 ? -8.233  0.761   5.098   0.52 44.03  ? 57  TYR A CB  1 
ATOM   286 C CG  A TYR A 1 34 ? -9.367  0.693   6.190   0.48 47.24  ? 57  TYR A CG  1 
ATOM   287 C CG  B TYR A 1 34 ? -6.898  0.767   5.822   0.52 40.85  ? 57  TYR A CG  1 
ATOM   288 C CD1 A TYR A 1 34 ? -9.129  -0.057  7.330   0.48 47.89  ? 57  TYR A CD1 1 
ATOM   289 C CD1 B TYR A 1 34 ? -6.589  -0.204  6.763   0.52 43.13  ? 57  TYR A CD1 1 
ATOM   290 C CD2 A TYR A 1 34 ? -10.578 1.365   6.086   0.48 56.14  ? 57  TYR A CD2 1 
ATOM   291 C CD2 B TYR A 1 34 ? -5.956  1.758   5.577   0.52 40.05  ? 57  TYR A CD2 1 
ATOM   292 C CE1 A TYR A 1 34 ? -10.054 -0.120  8.349   0.48 52.60  ? 57  TYR A CE1 1 
ATOM   293 C CE1 B TYR A 1 34 ? -5.367  -0.198  7.426   0.52 39.22  ? 57  TYR A CE1 1 
ATOM   294 C CE2 A TYR A 1 34 ? -11.511 1.302   7.095   0.48 48.80  ? 57  TYR A CE2 1 
ATOM   295 C CE2 B TYR A 1 34 ? -4.739  1.773   6.232   0.52 41.10  ? 57  TYR A CE2 1 
ATOM   296 C CZ  A TYR A 1 34 ? -11.242 0.563   8.226   0.48 47.59  ? 57  TYR A CZ  1 
ATOM   297 C CZ  B TYR A 1 34 ? -4.448  0.796   7.157   0.52 45.73  ? 57  TYR A CZ  1 
ATOM   298 O OH  A TYR A 1 34 ? -12.165 0.499   9.238   0.48 64.29  ? 57  TYR A OH  1 
ATOM   299 O OH  B TYR A 1 34 ? -3.235  0.818   7.808   0.52 32.98  ? 57  TYR A OH  1 
ATOM   300 N N   . SER A 1 35 ? -10.454 0.143   2.894   1.00 36.39  ? 58  SER A N   1 
ATOM   301 C CA  . SER A 1 35 ? -11.843 0.001   2.471   1.00 50.93  ? 58  SER A CA  1 
ATOM   302 C C   . SER A 1 35 ? -12.089 -1.373  1.877   1.00 39.33  ? 58  SER A C   1 
ATOM   303 O O   . SER A 1 35 ? -13.033 -2.072  2.271   1.00 37.66  ? 58  SER A O   1 
ATOM   304 C CB  . SER A 1 35 ? -12.194 1.074   1.442   1.00 34.30  ? 58  SER A CB  1 
ATOM   305 O OG  . SER A 1 35 ? -12.529 2.286   2.068   1.00 45.83  ? 58  SER A OG  1 
ATOM   306 N N   . PHE A 1 36 ? -11.242 -1.766  0.925   1.00 36.61  ? 59  PHE A N   1 
ATOM   307 C CA  . PHE A 1 36 ? -11.334 -3.089  0.315   1.00 35.38  ? 59  PHE A CA  1 
ATOM   308 C C   . PHE A 1 36 ? -11.400 -4.183  1.369   1.00 30.06  ? 59  PHE A C   1 
ATOM   309 O O   . PHE A 1 36 ? -12.217 -5.101  1.271   1.00 45.43  ? 59  PHE A O   1 
ATOM   310 C CB  . PHE A 1 36 ? -10.139 -3.310  -0.610  1.00 36.64  ? 59  PHE A CB  1 
ATOM   311 C CG  . PHE A 1 36 ? -10.102 -4.668  -1.249  1.00 35.88  ? 59  PHE A CG  1 
ATOM   312 C CD1 . PHE A 1 36 ? -10.741 -4.893  -2.455  1.00 39.51  ? 59  PHE A CD1 1 
ATOM   313 C CD2 . PHE A 1 36 ? -9.415  -5.714  -0.651  1.00 42.89  ? 59  PHE A CD2 1 
ATOM   314 C CE1 . PHE A 1 36 ? -10.700 -6.137  -3.057  1.00 48.86  ? 59  PHE A CE1 1 
ATOM   315 C CE2 . PHE A 1 36 ? -9.375  -6.966  -1.246  1.00 44.90  ? 59  PHE A CE2 1 
ATOM   316 C CZ  . PHE A 1 36 ? -10.019 -7.175  -2.452  1.00 51.66  ? 59  PHE A CZ  1 
ATOM   317 N N   . MET A 1 37 ? -10.547 -4.106  2.388   1.00 39.91  ? 60  MET A N   1 
ATOM   318 C CA  . MET A 1 37 ? -10.509 -5.184  3.371   1.00 36.73  ? 60  MET A CA  1 
ATOM   319 C C   . MET A 1 37 ? -11.698 -5.137  4.323   1.00 40.45  ? 60  MET A C   1 
ATOM   320 O O   . MET A 1 37 ? -12.174 -6.188  4.769   1.00 36.39  ? 60  MET A O   1 
ATOM   321 C CB  . MET A 1 37 ? -9.202  -5.145  4.147   1.00 28.37  ? 60  MET A CB  1 
ATOM   322 C CG  . MET A 1 37 ? -7.958  -5.461  3.298   1.00 40.91  ? 60  MET A CG  1 
ATOM   323 S SD  . MET A 1 37 ? -7.805  -7.202  2.802   1.00 34.21  ? 60  MET A SD  1 
ATOM   324 C CE  . MET A 1 37 ? -7.567  -7.942  4.390   1.00 27.28  ? 60  MET A CE  1 
ATOM   325 N N   . ARG A 1 38 ? -12.188 -3.945  4.662   1.00 40.58  ? 61  ARG A N   1 
ATOM   326 C CA  . ARG A 1 38 ? -13.394 -3.884  5.480   1.00 54.78  ? 61  ARG A CA  1 
ATOM   327 C C   . ARG A 1 38 ? -14.628 -4.293  4.691   1.00 46.49  ? 61  ARG A C   1 
ATOM   328 O O   . ARG A 1 38 ? -15.512 -4.967  5.231   1.00 47.76  ? 61  ARG A O   1 
ATOM   329 C CB  . ARG A 1 38 ? -13.577 -2.486  6.064   1.00 51.25  ? 61  ARG A CB  1 
ATOM   330 C CG  . ARG A 1 38 ? -14.646 -2.433  7.142   1.00 61.19  ? 61  ARG A CG  1 
ATOM   331 C CD  . ARG A 1 38 ? -14.377 -1.287  8.061   1.00 86.04  ? 61  ARG A CD  1 
ATOM   332 N NE  . ARG A 1 38 ? -15.558 -0.561  8.497   1.00 88.83  ? 61  ARG A NE  1 
ATOM   333 C CZ  . ARG A 1 38 ? -15.960 0.586   7.967   1.00 85.44  ? 61  ARG A CZ  1 
ATOM   334 N NH1 . ARG A 1 38 ? -17.043 1.182   8.445   1.00 92.10  ? 61  ARG A NH1 1 
ATOM   335 N NH2 . ARG A 1 38 ? -15.289 1.135   6.958   1.00 85.29  ? 61  ARG A NH2 1 
ATOM   336 N N   . THR A 1 39 ? -14.696 -3.905  3.418   1.00 47.32  ? 62  THR A N   1 
ATOM   337 C CA  . THR A 1 39 ? -15.806 -4.314  2.567   1.00 52.21  ? 62  THR A CA  1 
ATOM   338 C C   . THR A 1 39 ? -15.842 -5.830  2.393   1.00 54.59  ? 62  THR A C   1 
ATOM   339 O O   . THR A 1 39 ? -16.878 -6.465  2.627   1.00 59.96  ? 62  THR A O   1 
ATOM   340 C CB  . THR A 1 39 ? -15.702 -3.611  1.212   1.00 60.83  ? 62  THR A CB  1 
ATOM   341 O OG1 . THR A 1 39 ? -15.986 -2.217  1.381   1.00 64.81  ? 62  THR A OG1 1 
ATOM   342 C CG2 . THR A 1 39 ? -16.677 -4.205  0.213   1.00 45.98  ? 62  THR A CG2 1 
ATOM   343 N N   . THR A 1 40 ? -14.720 -6.437  1.992   1.00 52.60  ? 63  THR A N   1 
ATOM   344 C CA  . THR A 1 40 ? -14.728 -7.878  1.755   1.00 46.37  ? 63  THR A CA  1 
ATOM   345 C C   . THR A 1 40 ? -14.939 -8.671  3.040   1.00 45.73  ? 63  THR A C   1 
ATOM   346 O O   . THR A 1 40 ? -15.440 -9.796  2.981   1.00 50.88  ? 63  THR A O   1 
ATOM   347 C CB  . THR A 1 40 ? -13.435 -8.337  1.070   1.00 58.23  ? 63  THR A CB  1 
ATOM   348 O OG1 . THR A 1 40 ? -12.318 -8.128  1.938   1.00 59.42  ? 63  THR A OG1 1 
ATOM   349 C CG2 . THR A 1 40 ? -13.213 -7.579  -0.241  1.00 48.78  ? 63  THR A CG2 1 
ATOM   350 N N   . TYR A 1 41 ? -14.584 -8.110  4.199   1.00 43.77  ? 64  TYR A N   1 
ATOM   351 C CA  . TYR A 1 41 ? -14.919 -8.772  5.456   1.00 47.12  ? 64  TYR A CA  1 
ATOM   352 C C   . TYR A 1 41 ? -16.413 -8.700  5.747   1.00 46.18  ? 64  TYR A C   1 
ATOM   353 O O   . TYR A 1 41 ? -17.021 -9.714  6.107   1.00 53.41  ? 64  TYR A O   1 
ATOM   354 C CB  . TYR A 1 41 ? -14.124 -8.164  6.611   1.00 42.33  ? 64  TYR A CB  1 
ATOM   355 C CG  . TYR A 1 41 ? -14.448 -8.790  7.951   1.00 43.23  ? 64  TYR A CG  1 
ATOM   356 C CD1 . TYR A 1 41 ? -13.862 -9.986  8.343   1.00 47.58  ? 64  TYR A CD1 1 
ATOM   357 C CD2 . TYR A 1 41 ? -15.341 -8.187  8.821   1.00 48.93  ? 64  TYR A CD2 1 
ATOM   358 C CE1 . TYR A 1 41 ? -14.163 -10.561 9.561   1.00 56.48  ? 64  TYR A CE1 1 
ATOM   359 C CE2 . TYR A 1 41 ? -15.645 -8.751  10.039  1.00 44.28  ? 64  TYR A CE2 1 
ATOM   360 C CZ  . TYR A 1 41 ? -15.056 -9.936  10.405  1.00 60.46  ? 64  TYR A CZ  1 
ATOM   361 O OH  . TYR A 1 41 ? -15.364 -10.495 11.622  1.00 72.12  ? 64  TYR A OH  1 
ATOM   362 N N   . LYS A 1 42 ? -17.019 -7.520  5.575   1.00 54.89  ? 65  LYS A N   1 
ATOM   363 C CA  . LYS A 1 42 ? -18.425 -7.351  5.933   1.00 63.63  ? 65  LYS A CA  1 
ATOM   364 C C   . LYS A 1 42 ? -19.341 -8.110  4.977   1.00 53.40  ? 65  LYS A C   1 
ATOM   365 O O   . LYS A 1 42 ? -20.418 -8.568  5.371   1.00 75.38  ? 65  LYS A O   1 
ATOM   366 C CB  . LYS A 1 42 ? -18.796 -5.865  5.959   1.00 67.73  ? 65  LYS A CB  1 
ATOM   367 C CG  . LYS A 1 42 ? -18.694 -5.216  7.328   1.00 68.34  ? 65  LYS A CG  1 
ATOM   368 C CD  . LYS A 1 42 ? -17.263 -5.233  7.826   1.00 73.64  ? 65  LYS A CD  1 
ATOM   369 C CE  . LYS A 1 42 ? -17.174 -5.213  9.350   1.00 87.71  ? 65  LYS A CE  1 
ATOM   370 N NZ  . LYS A 1 42 ? -18.142 -4.331  10.050  1.00 91.03  ? 65  LYS A NZ  1 
ATOM   371 N N   . ASN A 1 43 ? -18.940 -8.243  3.713   1.00 54.61  ? 66  ASN A N   1 
ATOM   372 C CA  . ASN A 1 43 ? -19.757 -8.941  2.720   1.00 54.21  ? 66  ASN A CA  1 
ATOM   373 C C   . ASN A 1 43 ? -19.641 -10.458 2.805   1.00 63.68  ? 66  ASN A C   1 
ATOM   374 O O   . ASN A 1 43 ? -20.376 -11.156 2.095   1.00 64.74  ? 66  ASN A O   1 
ATOM   375 C CB  . ASN A 1 43 ? -19.393 -8.489  1.294   1.00 48.81  ? 66  ASN A CB  1 
ATOM   376 C CG  . ASN A 1 43 ? -19.749 -7.030  1.031   1.00 54.76  ? 66  ASN A CG  1 
ATOM   377 O OD1 . ASN A 1 43 ? -20.445 -6.396  1.827   1.00 67.38  ? 66  ASN A OD1 1 
ATOM   378 N ND2 . ASN A 1 43 ? -19.311 -6.511  -0.109  1.00 58.16  ? 66  ASN A ND2 1 
ATOM   379 N N   . ASP A 1 44 ? -18.744 -10.982 3.647   1.00 65.04  ? 67  ASP A N   1 
ATOM   380 C CA  . ASP A 1 44 ? -18.546 -12.418 3.825   1.00 58.89  ? 67  ASP A CA  1 
ATOM   381 C C   . ASP A 1 44 ? -17.583 -12.676 4.981   1.00 57.25  ? 67  ASP A C   1 
ATOM   382 O O   . ASP A 1 44 ? -16.444 -13.106 4.753   1.00 67.56  ? 67  ASP A O   1 
ATOM   383 C CB  . ASP A 1 44 ? -18.006 -13.051 2.541   1.00 61.54  ? 67  ASP A CB  1 
ATOM   384 C CG  . ASP A 1 44 ? -17.910 -14.561 2.628   1.00 71.37  ? 67  ASP A CG  1 
ATOM   385 O OD1 . ASP A 1 44 ? -18.429 -15.144 3.609   1.00 83.42  ? 67  ASP A OD1 1 
ATOM   386 O OD2 . ASP A 1 44 ? -17.306 -15.164 1.715   1.00 67.94  ? 67  ASP A OD2 1 
ATOM   387 N N   . PRO A 1 45 ? -17.999 -12.442 6.225   1.00 50.86  ? 68  PRO A N   1 
ATOM   388 C CA  . PRO A 1 45 ? -17.044 -12.493 7.340   1.00 50.40  ? 68  PRO A CA  1 
ATOM   389 C C   . PRO A 1 45 ? -16.518 -13.892 7.606   1.00 61.11  ? 68  PRO A C   1 
ATOM   390 O O   . PRO A 1 45 ? -17.272 -14.866 7.638   1.00 79.99  ? 68  PRO A O   1 
ATOM   391 C CB  . PRO A 1 45 ? -17.856 -11.969 8.532   1.00 53.14  ? 68  PRO A CB  1 
ATOM   392 C CG  . PRO A 1 45 ? -19.275 -12.159 8.150   1.00 61.53  ? 68  PRO A CG  1 
ATOM   393 C CD  . PRO A 1 45 ? -19.339 -12.012 6.659   1.00 52.88  ? 68  PRO A CD  1 
ATOM   394 N N   . CYS A 1 46 ? -15.204 -13.978 7.798   1.00 74.90  ? 69  CYS A N   1 
ATOM   395 C CA  . CYS A 1 46 ? -14.600 -15.181 8.346   1.00 61.92  ? 69  CYS A CA  1 
ATOM   396 C C   . CYS A 1 46 ? -15.061 -15.389 9.782   1.00 55.22  ? 69  CYS A C   1 
ATOM   397 O O   . CYS A 1 46 ? -15.451 -14.452 10.485  1.00 46.74  ? 69  CYS A O   1 
ATOM   398 C CB  . CYS A 1 46 ? -13.074 -15.091 8.314   1.00 78.88  ? 69  CYS A CB  1 
ATOM   399 S SG  . CYS A 1 46 ? -12.369 -13.825 9.432   1.00 74.82  ? 69  CYS A SG  1 
ATOM   400 N N   . SER A 1 47 ? -14.995 -16.641 10.223  1.00 72.16  ? 70  SER A N   1 
ATOM   401 C CA  . SER A 1 47 ? -15.411 -17.016 11.566  1.00 73.99  ? 70  SER A CA  1 
ATOM   402 C C   . SER A 1 47 ? -14.266 -17.537 12.419  1.00 86.54  ? 70  SER A C   1 
ATOM   403 O O   . SER A 1 47 ? -14.035 -17.033 13.525  1.00 89.38  ? 70  SER A O   1 
ATOM   404 C CB  . SER A 1 47 ? -16.516 -18.076 11.493  1.00 70.06  ? 70  SER A CB  1 
ATOM   405 O OG  . SER A 1 47 ? -16.527 -18.852 12.678  1.00 84.89  ? 70  SER A OG  1 
ATOM   406 N N   . SER A 1 48 ? -13.543 -18.539 11.929  1.00 79.08  ? 71  SER A N   1 
ATOM   407 C CA  . SER A 1 48 ? -12.493 -19.201 12.686  1.00 74.47  ? 71  SER A CA  1 
ATOM   408 C C   . SER A 1 48 ? -11.125 -18.632 12.330  1.00 77.97  ? 71  SER A C   1 
ATOM   409 O O   . SER A 1 48 ? -10.957 -17.897 11.354  1.00 75.73  ? 71  SER A O   1 
ATOM   410 C CB  . SER A 1 48 ? -12.512 -20.707 12.422  1.00 60.87  ? 71  SER A CB  1 
ATOM   411 O OG  . SER A 1 48 ? -12.173 -20.977 11.074  1.00 64.96  ? 71  SER A OG  1 
ATOM   412 N N   . ASP A 1 49 ? -10.134 -19.004 13.141  1.00 71.71  ? 72  ASP A N   1 
ATOM   413 C CA  . ASP A 1 49 ? -8.768  -18.576 12.876  1.00 61.96  ? 72  ASP A CA  1 
ATOM   414 C C   . ASP A 1 49 ? -8.318  -19.009 11.487  1.00 62.76  ? 72  ASP A C   1 
ATOM   415 O O   . ASP A 1 49 ? -7.883  -18.179 10.683  1.00 78.30  ? 72  ASP A O   1 
ATOM   416 C CB  . ASP A 1 49 ? -7.831  -19.115 13.957  1.00 57.14  ? 72  ASP A CB  1 
ATOM   417 C CG  . ASP A 1 49 ? -7.962  -18.352 15.257  1.00 72.61  ? 72  ASP A CG  1 
ATOM   418 O OD1 . ASP A 1 49 ? -8.798  -17.424 15.302  1.00 79.39  ? 72  ASP A OD1 1 
ATOM   419 O OD2 . ASP A 1 49 ? -7.240  -18.675 16.224  1.00 78.67  ? 72  ASP A OD2 1 
ATOM   420 N N   . PHE A 1 50 ? -8.449  -20.304 11.175  1.00 58.03  ? 73  PHE A N   1 
ATOM   421 C CA  . PHE A 1 50 ? -8.027  -20.801 9.866   1.00 68.95  ? 73  PHE A CA  1 
ATOM   422 C C   . PHE A 1 50 ? -8.654  -19.983 8.740   1.00 59.50  ? 73  PHE A C   1 
ATOM   423 O O   . PHE A 1 50 ? -7.958  -19.546 7.813   1.00 56.00  ? 73  PHE A O   1 
ATOM   424 C CB  . PHE A 1 50 ? -8.359  -22.298 9.711   1.00 48.95  ? 73  PHE A CB  1 
ATOM   425 C CG  . PHE A 1 50 ? -8.083  -22.836 8.317   1.00 52.94  ? 73  PHE A CG  1 
ATOM   426 C CD1 . PHE A 1 50 ? -8.939  -22.560 7.250   1.00 51.80  ? 73  PHE A CD1 1 
ATOM   427 C CD2 . PHE A 1 50 ? -6.927  -23.549 8.059   1.00 50.54  ? 73  PHE A CD2 1 
ATOM   428 C CE1 . PHE A 1 50 ? -8.670  -23.015 5.973   1.00 55.41  ? 73  PHE A CE1 1 
ATOM   429 C CE2 . PHE A 1 50 ? -6.647  -24.012 6.776   1.00 61.12  ? 73  PHE A CE2 1 
ATOM   430 C CZ  . PHE A 1 50 ? -7.521  -23.745 5.731   1.00 61.80  ? 73  PHE A CZ  1 
ATOM   431 N N   . GLU A 1 51 ? -9.971  -19.773 8.798   1.00 67.83  ? 74  GLU A N   1 
ATOM   432 C CA  . GLU A 1 51 ? -10.635 -19.053 7.719   1.00 77.85  ? 74  GLU A CA  1 
ATOM   433 C C   . GLU A 1 51 ? -10.281 -17.570 7.735   1.00 57.33  ? 74  GLU A C   1 
ATOM   434 O O   . GLU A 1 51 ? -10.177 -16.950 6.672   1.00 58.80  ? 74  GLU A O   1 
ATOM   435 C CB  . GLU A 1 51 ? -12.149 -19.259 7.802   1.00 67.21  ? 74  GLU A CB  1 
ATOM   436 C CG  . GLU A 1 51 ? -12.898 -18.908 6.516   1.00 83.35  ? 74  GLU A CG  1 
ATOM   437 C CD  . GLU A 1 51 ? -14.404 -18.885 6.704   1.00 81.81  ? 74  GLU A CD  1 
ATOM   438 O OE1 . GLU A 1 51 ? -14.856 -18.549 7.818   1.00 67.95  ? 74  GLU A OE1 1 
ATOM   439 O OE2 . GLU A 1 51 ? -15.133 -19.206 5.741   1.00 90.45  ? 74  GLU A OE2 1 
ATOM   440 N N   . CYS A 1 52 ? -10.060 -16.991 8.917   1.00 50.72  ? 75  CYS A N   1 
ATOM   441 C CA  . CYS A 1 52 ? -9.681  -15.583 8.974   1.00 70.90  ? 75  CYS A CA  1 
ATOM   442 C C   . CYS A 1 52 ? -8.298  -15.359 8.365   1.00 55.12  ? 75  CYS A C   1 
ATOM   443 O O   . CYS A 1 52 ? -8.125  -14.488 7.504   1.00 51.21  ? 75  CYS A O   1 
ATOM   444 C CB  . CYS A 1 52 ? -9.758  -15.072 10.415  1.00 57.53  ? 75  CYS A CB  1 
ATOM   445 S SG  . CYS A 1 52 ? -11.476 -14.805 10.986  1.00 74.74  ? 75  CYS A SG  1 
ATOM   446 N N   . ILE A 1 53 ? -7.306  -16.160 8.774   1.00 62.90  ? 76  ILE A N   1 
ATOM   447 C CA  . ILE A 1 53 ? -5.983  -16.068 8.152   1.00 46.13  ? 76  ILE A CA  1 
ATOM   448 C C   . ILE A 1 53 ? -6.084  -16.344 6.656   1.00 50.15  ? 76  ILE A C   1 
ATOM   449 O O   . ILE A 1 53 ? -5.507  -15.619 5.834   1.00 49.90  ? 76  ILE A O   1 
ATOM   450 C CB  . ILE A 1 53 ? -4.977  -17.040 8.803   1.00 59.04  ? 76  ILE A CB  1 
ATOM   451 C CG1 . ILE A 1 53 ? -4.431  -16.554 10.145  1.00 39.74  ? 76  ILE A CG1 1 
ATOM   452 C CG2 . ILE A 1 53 ? -3.776  -17.226 7.872   1.00 67.70  ? 76  ILE A CG2 1 
ATOM   453 C CD1 . ILE A 1 53 ? -5.416  -16.546 11.236  1.00 64.57  ? 76  ILE A CD1 1 
ATOM   454 N N   . GLU A 1 54 ? -6.838  -17.385 6.278   1.00 38.17  ? 77  GLU A N   1 
ATOM   455 C CA  . GLU A 1 54 ? -6.893  -17.809 4.880   1.00 51.02  ? 77  GLU A CA  1 
ATOM   456 C C   . GLU A 1 54 ? -7.608  -16.782 4.013   1.00 49.10  ? 77  GLU A C   1 
ATOM   457 O O   . GLU A 1 54 ? -7.162  -16.472 2.900   1.00 46.80  ? 77  GLU A O   1 
ATOM   458 C CB  . GLU A 1 54 ? -7.583  -19.173 4.776   1.00 70.89  ? 77  GLU A CB  1 
ATOM   459 C CG  . GLU A 1 54 ? -8.087  -19.520 3.391   1.00 72.59  ? 77  GLU A CG  1 
ATOM   460 C CD  . GLU A 1 54 ? -7.072  -20.314 2.599   1.00 78.24  ? 77  GLU A CD  1 
ATOM   461 O OE1 . GLU A 1 54 ? -7.358  -20.640 1.427   1.00 72.77  ? 77  GLU A OE1 1 
ATOM   462 O OE2 . GLU A 1 54 ? -5.987  -20.608 3.150   1.00 80.90  ? 77  GLU A OE2 1 
ATOM   463 N N   . ARG A 1 55 ? -8.741  -16.263 4.489   1.00 46.36  ? 78  ARG A N   1 
ATOM   464 C CA  . ARG A 1 55 ? -9.412  -15.205 3.738   1.00 60.14  ? 78  ARG A CA  1 
ATOM   465 C C   . ARG A 1 55 ? -8.542  -13.960 3.642   1.00 47.31  ? 78  ARG A C   1 
ATOM   466 O O   . ARG A 1 55 ? -8.505  -13.312 2.587   1.00 42.23  ? 78  ARG A O   1 
ATOM   467 C CB  . ARG A 1 55 ? -10.754 -14.856 4.373   1.00 52.20  ? 78  ARG A CB  1 
ATOM   468 C CG  . ARG A 1 55 ? -11.659 -14.043 3.452   1.00 70.04  ? 78  ARG A CG  1 
ATOM   469 C CD  . ARG A 1 55 ? -12.332 -14.969 2.452   1.00 75.04  ? 78  ARG A CD  1 
ATOM   470 N NE  . ARG A 1 55 ? -12.887 -14.283 1.291   1.00 78.47  ? 78  ARG A NE  1 
ATOM   471 C CZ  . ARG A 1 55 ? -12.829 -14.758 0.050   1.00 86.68  ? 78  ARG A CZ  1 
ATOM   472 N NH1 . ARG A 1 55 ? -13.385 -14.084 -0.948  1.00 84.99  ? 78  ARG A NH1 1 
ATOM   473 N NH2 . ARG A 1 55 ? -12.203 -15.903 -0.199  1.00 88.74  ? 78  ARG A NH2 1 
ATOM   474 N N   . GLY A 1 56 ? -7.828  -13.631 4.725   1.00 46.73  ? 79  GLY A N   1 
ATOM   475 C CA  . GLY A 1 56 ? -6.853  -12.553 4.664   1.00 52.13  ? 79  GLY A CA  1 
ATOM   476 C C   . GLY A 1 56 ? -5.874  -12.720 3.518   1.00 47.05  ? 79  GLY A C   1 
ATOM   477 O O   . GLY A 1 56 ? -5.574  -11.764 2.802   1.00 43.74  ? 79  GLY A O   1 
ATOM   478 N N   . ALA A 1 57 ? -5.394  -13.945 3.305   1.00 47.42  ? 80  ALA A N   1 
ATOM   479 C CA  . ALA A 1 57 ? -4.440  -14.178 2.227   1.00 38.74  ? 80  ALA A CA  1 
ATOM   480 C C   . ALA A 1 57 ? -5.102  -14.072 0.860   1.00 53.32  ? 80  ALA A C   1 
ATOM   481 O O   . ALA A 1 57 ? -4.527  -13.503 -0.077  1.00 56.96  ? 80  ALA A O   1 
ATOM   482 C CB  . ALA A 1 57 ? -3.786  -15.545 2.403   1.00 56.53  ? 80  ALA A CB  1 
ATOM   483 N N   . GLU A 1 58 ? -6.315  -14.610 0.724   1.00 49.79  ? 81  GLU A N   1 
ATOM   484 C CA  . GLU A 1 58 ? -7.005  -14.571 -0.561  1.00 59.09  ? 81  GLU A CA  1 
ATOM   485 C C   . GLU A 1 58 ? -7.310  -13.136 -0.977  1.00 47.64  ? 81  GLU A C   1 
ATOM   486 O O   . GLU A 1 58 ? -7.102  -12.748 -2.134  1.00 56.20  ? 81  GLU A O   1 
ATOM   487 C CB  . GLU A 1 58 ? -8.284  -15.404 -0.479  1.00 57.38  ? 81  GLU A CB  1 
ATOM   488 C CG  . GLU A 1 58 ? -8.280  -16.643 -1.360  1.00 88.22  ? 81  GLU A CG  1 
ATOM   489 C CD  . GLU A 1 58 ? -9.422  -17.595 -1.039  1.00 93.19  ? 81  GLU A CD  1 
ATOM   490 O OE1 . GLU A 1 58 ? -10.294 -17.228 -0.221  1.00 92.51  ? 81  GLU A OE1 1 
ATOM   491 O OE2 . GLU A 1 58 ? -9.447  -18.710 -1.603  1.00 112.20 ? 81  GLU A OE2 1 
ATOM   492 N N   . MET A 1 59 ? -7.795  -12.323 -0.043  1.00 48.02  ? 82  MET A N   1 
ATOM   493 C CA  . MET A 1 59 ? -8.126  -10.955 -0.411  1.00 46.49  ? 82  MET A CA  1 
ATOM   494 C C   . MET A 1 59 ? -6.885  -10.093 -0.600  1.00 44.69  ? 82  MET A C   1 
ATOM   495 O O   . MET A 1 59 ? -6.930  -9.124  -1.362  1.00 51.75  ? 82  MET A O   1 
ATOM   496 C CB  . MET A 1 59 ? -9.090  -10.375 0.618   1.00 35.27  ? 82  MET A CB  1 
ATOM   497 C CG  . MET A 1 59 ? -10.511 -10.938 0.454   1.00 59.68  ? 82  MET A CG  1 
ATOM   498 S SD  . MET A 1 59 ? -11.160 -10.762 -1.239  1.00 47.12  ? 82  MET A SD  1 
ATOM   499 C CE  . MET A 1 59 ? -10.938 -12.399 -1.924  1.00 44.01  ? 82  MET A CE  1 
ATOM   500 N N   . ALA A 1 60 ? -5.767  -10.451 0.032   1.00 49.65  ? 83  ALA A N   1 
ATOM   501 C CA  . ALA A 1 60 ? -4.492  -9.836  -0.325  1.00 53.45  ? 83  ALA A CA  1 
ATOM   502 C C   . ALA A 1 60 ? -4.164  -10.066 -1.797  1.00 43.90  ? 83  ALA A C   1 
ATOM   503 O O   . ALA A 1 60 ? -3.731  -9.142  -2.496  1.00 46.21  ? 83  ALA A O   1 
ATOM   504 C CB  . ALA A 1 60 ? -3.377  -10.387 0.564   1.00 57.55  ? 83  ALA A CB  1 
ATOM   505 N N   . GLN A 1 61 ? -4.371  -11.287 -2.291  1.00 44.07  ? 84  GLN A N   1 
ATOM   506 C CA  . GLN A 1 61 ? -4.102  -11.550 -3.701  1.00 54.64  ? 84  GLN A CA  1 
ATOM   507 C C   . GLN A 1 61 ? -5.076  -10.793 -4.596  1.00 70.48  ? 84  GLN A C   1 
ATOM   508 O O   . GLN A 1 61 ? -4.684  -10.257 -5.642  1.00 55.20  ? 84  GLN A O   1 
ATOM   509 C CB  . GLN A 1 61 ? -4.159  -13.052 -3.983  1.00 62.31  ? 84  GLN A CB  1 
ATOM   510 C CG  . GLN A 1 61 ? -2.835  -13.771 -3.743  1.00 76.32  ? 84  GLN A CG  1 
ATOM   511 C CD  . GLN A 1 61 ? -3.000  -15.080 -2.993  1.00 72.05  ? 84  GLN A CD  1 
ATOM   512 O OE1 . GLN A 1 61 ? -3.871  -15.886 -3.317  1.00 75.27  ? 84  GLN A OE1 1 
ATOM   513 N NE2 . GLN A 1 61 ? -2.159  -15.296 -1.985  1.00 64.76  ? 84  GLN A NE2 1 
ATOM   514 N N   . SER A 1 62 ? -6.344  -10.719 -4.190  1.00 46.93  ? 85  SER A N   1 
ATOM   515 C CA  . SER A 1 62 ? -7.332  -10.012 -4.994  1.00 51.14  ? 85  SER A CA  1 
ATOM   516 C C   . SER A 1 62 ? -7.034  -8.525  -5.037  1.00 60.78  ? 85  SER A C   1 
ATOM   517 O O   . SER A 1 62 ? -7.140  -7.896  -6.096  1.00 68.69  ? 85  SER A O   1 
ATOM   518 C CB  . SER A 1 62 ? -8.730  -10.267 -4.443  1.00 53.48  ? 85  SER A CB  1 
ATOM   519 O OG  . SER A 1 62 ? -8.831  -11.605 -3.999  1.00 63.62  ? 85  SER A OG  1 
ATOM   520 N N   . TYR A 1 63 ? -6.657  -7.944  -3.896  1.00 49.47  ? 86  TYR A N   1 
ATOM   521 C CA  . TYR A 1 63 ? -6.221  -6.553  -3.900  1.00 49.58  ? 86  TYR A CA  1 
ATOM   522 C C   . TYR A 1 63 ? -5.032  -6.356  -4.829  1.00 56.31  ? 86  TYR A C   1 
ATOM   523 O O   . TYR A 1 63 ? -4.944  -5.342  -5.532  1.00 61.05  ? 86  TYR A O   1 
ATOM   524 C CB  . TYR A 1 63 ? -5.873  -6.099  -2.484  1.00 47.15  ? 86  TYR A CB  1 
ATOM   525 C CG  . TYR A 1 63 ? -5.307  -4.702  -2.434  1.00 49.99  ? 86  TYR A CG  1 
ATOM   526 C CD1 . TYR A 1 63 ? -6.140  -3.598  -2.523  1.00 57.10  ? 86  TYR A CD1 1 
ATOM   527 C CD2 . TYR A 1 63 ? -3.941  -4.483  -2.303  1.00 51.30  ? 86  TYR A CD2 1 
ATOM   528 C CE1 . TYR A 1 63 ? -5.635  -2.317  -2.483  1.00 62.47  ? 86  TYR A CE1 1 
ATOM   529 C CE2 . TYR A 1 63 ? -3.423  -3.197  -2.262  1.00 52.44  ? 86  TYR A CE2 1 
ATOM   530 C CZ  . TYR A 1 63 ? -4.277  -2.120  -2.352  1.00 55.73  ? 86  TYR A CZ  1 
ATOM   531 O OH  . TYR A 1 63 ? -3.785  -0.836  -2.312  1.00 65.00  ? 86  TYR A OH  1 
ATOM   532 N N   . ALA A 1 64 ? -4.108  -7.322  -4.847  1.00 61.17  ? 87  ALA A N   1 
ATOM   533 C CA  . ALA A 1 64 ? -2.931  -7.207  -5.702  1.00 63.69  ? 87  ALA A CA  1 
ATOM   534 C C   . ALA A 1 64 ? -3.327  -7.221  -7.171  1.00 75.72  ? 87  ALA A C   1 
ATOM   535 O O   . ALA A 1 64 ? -2.900  -6.365  -7.951  1.00 74.52  ? 87  ALA A O   1 
ATOM   536 C CB  . ALA A 1 64 ? -1.947  -8.336  -5.394  1.00 61.27  ? 87  ALA A CB  1 
ATOM   537 N N   . ARG A 1 65 ? -4.148  -8.195  -7.566  1.00 66.07  ? 88  ARG A N   1 
ATOM   538 C CA  . ARG A 1 65 ? -4.627  -8.251  -8.946  1.00 64.93  ? 88  ARG A CA  1 
ATOM   539 C C   . ARG A 1 65 ? -5.332  -6.967  -9.359  1.00 76.96  ? 88  ARG A C   1 
ATOM   540 O O   . ARG A 1 65 ? -5.178  -6.523  -10.505 1.00 78.59  ? 88  ARG A O   1 
ATOM   541 C CB  . ARG A 1 65 ? -5.562  -9.441  -9.126  1.00 67.70  ? 88  ARG A CB  1 
ATOM   542 C CG  . ARG A 1 65 ? -5.850  -9.800  -10.574 1.00 82.14  ? 88  ARG A CG  1 
ATOM   543 C CD  . ARG A 1 65 ? -6.800  -10.981 -10.645 1.00 79.31  ? 88  ARG A CD  1 
ATOM   544 N NE  . ARG A 1 65 ? -7.712  -11.000 -9.505  1.00 80.38  ? 88  ARG A NE  1 
ATOM   545 C CZ  . ARG A 1 65 ? -8.738  -10.168 -9.341  1.00 80.84  ? 88  ARG A CZ  1 
ATOM   546 N NH1 . ARG A 1 65 ? -9.011  -9.243  -10.254 1.00 74.14  ? 88  ARG A NH1 1 
ATOM   547 N NH2 . ARG A 1 65 ? -9.500  -10.262 -8.260  1.00 86.58  ? 88  ARG A NH2 1 
ATOM   548 N N   . ILE A 1 66 ? -6.094  -6.359  -8.448  1.00 61.87  ? 89  ILE A N   1 
ATOM   549 C CA  . ILE A 1 66 ? -6.708  -5.070  -8.733  1.00 67.54  ? 89  ILE A CA  1 
ATOM   550 C C   . ILE A 1 66 ? -5.685  -3.945  -8.748  1.00 84.72  ? 89  ILE A C   1 
ATOM   551 O O   . ILE A 1 66 ? -5.988  -2.840  -9.215  1.00 81.42  ? 89  ILE A O   1 
ATOM   552 C CB  . ILE A 1 66 ? -7.843  -4.809  -7.721  1.00 60.50  ? 89  ILE A CB  1 
ATOM   553 C CG1 . ILE A 1 66 ? -8.831  -5.976  -7.737  1.00 68.53  ? 89  ILE A CG1 1 
ATOM   554 C CG2 . ILE A 1 66 ? -8.612  -3.536  -8.052  1.00 77.57  ? 89  ILE A CG2 1 
ATOM   555 C CD1 . ILE A 1 66 ? -9.860  -5.924  -6.644  1.00 64.99  ? 89  ILE A CD1 1 
ATOM   556 N N   . MET A 1 67 ? -4.464  -4.206  -8.285  1.00 82.96  ? 90  MET A N   1 
ATOM   557 C CA  . MET A 1 67 ? -3.397  -3.217  -8.337  1.00 82.36  ? 90  MET A CA  1 
ATOM   558 C C   . MET A 1 67 ? -2.381  -3.486  -9.442  1.00 88.09  ? 90  MET A C   1 
ATOM   559 O O   . MET A 1 67 ? -1.623  -2.577  -9.797  1.00 84.60  ? 90  MET A O   1 
ATOM   560 C CB  . MET A 1 67 ? -2.685  -3.136  -6.980  1.00 68.43  ? 90  MET A CB  1 
ATOM   561 C CG  . MET A 1 67 ? -3.505  -2.410  -5.923  1.00 56.68  ? 90  MET A CG  1 
ATOM   562 S SD  . MET A 1 67 ? -4.490  -1.101  -6.686  1.00 103.00 ? 90  MET A SD  1 
ATOM   563 C CE  . MET A 1 67 ? -5.120  -0.204  -5.261  1.00 54.70  ? 90  MET A CE  1 
ATOM   564 N N   . ASN A 1 68 ? -2.338  -4.703  -9.986  1.00 83.94  ? 91  ASN A N   1 
ATOM   565 C CA  . ASN A 1 68 ? -1.569  -4.955  -11.199 1.00 92.18  ? 91  ASN A CA  1 
ATOM   566 C C   . ASN A 1 68 ? -2.369  -4.630  -12.452 1.00 96.34  ? 91  ASN A C   1 
ATOM   567 O O   . ASN A 1 68 ? -1.781  -4.283  -13.483 1.00 111.35 ? 91  ASN A O   1 
ATOM   568 C CB  . ASN A 1 68 ? -1.072  -6.404  -11.224 1.00 86.36  ? 91  ASN A CB  1 
ATOM   569 C CG  . ASN A 1 68 ? -0.123  -6.707  -10.075 1.00 79.30  ? 91  ASN A CG  1 
ATOM   570 O OD1 . ASN A 1 68 ? 0.466   -5.799  -9.491  1.00 86.20  ? 91  ASN A OD1 1 
ATOM   571 N ND2 . ASN A 1 68 ? 0.029   -7.987  -9.749  1.00 79.38  ? 91  ASN A ND2 1 
ATOM   572 N N   . ILE A 1 69 ? -3.697  -4.752  -12.389 1.00 95.99  ? 92  ILE A N   1 
ATOM   573 C CA  . ILE A 1 69 ? -4.553  -3.913  -13.215 1.00 93.55  ? 92  ILE A CA  1 
ATOM   574 C C   . ILE A 1 69 ? -4.462  -2.495  -12.665 1.00 103.96 ? 92  ILE A C   1 
ATOM   575 O O   . ILE A 1 69 ? -4.472  -2.287  -11.444 1.00 103.87 ? 92  ILE A O   1 
ATOM   576 C CB  . ILE A 1 69 ? -6.001  -4.438  -13.218 1.00 89.33  ? 92  ILE A CB  1 
ATOM   577 C CG1 . ILE A 1 69 ? -6.049  -5.918  -13.615 1.00 91.24  ? 92  ILE A CG1 1 
ATOM   578 C CG2 . ILE A 1 69 ? -6.874  -3.612  -14.155 1.00 86.67  ? 92  ILE A CG2 1 
ATOM   579 C CD1 . ILE A 1 69 ? -5.406  -6.228  -14.956 1.00 80.32  ? 92  ILE A CD1 1 
ATOM   580 N N   . LYS A 1 70 ? -4.339  -1.511  -13.551 1.00 125.67 ? 93  LYS A N   1 
ATOM   581 C CA  . LYS A 1 70 ? -3.843  -0.193  -13.146 1.00 135.15 ? 93  LYS A CA  1 
ATOM   582 C C   . LYS A 1 70 ? -4.981  0.814   -12.966 1.00 134.62 ? 93  LYS A C   1 
ATOM   583 O O   . LYS A 1 70 ? -5.043  1.851   -13.630 1.00 122.85 ? 93  LYS A O   1 
ATOM   584 C CB  . LYS A 1 70 ? -2.818  0.310   -14.158 1.00 126.64 ? 93  LYS A CB  1 
ATOM   585 C CG  . LYS A 1 70 ? -3.231  0.125   -15.610 1.00 113.16 ? 93  LYS A CG  1 
ATOM   586 C CD  . LYS A 1 70 ? -2.775  1.312   -16.444 1.00 102.16 ? 93  LYS A CD  1 
ATOM   587 C CE  . LYS A 1 70 ? -3.352  1.266   -17.848 1.00 91.81  ? 93  LYS A CE  1 
ATOM   588 N NZ  . LYS A 1 70 ? -2.672  2.249   -18.739 1.00 108.31 ? 93  LYS A NZ  1 
ATOM   589 N N   . LEU A 1 71 ? -5.879  0.517   -12.030 1.00 118.31 ? 94  LEU A N   1 
ATOM   590 C CA  . LEU A 1 71 ? -6.960  1.445   -11.704 1.00 112.71 ? 94  LEU A CA  1 
ATOM   591 C C   . LEU A 1 71 ? -7.366  1.286   -10.241 1.00 116.79 ? 94  LEU A C   1 
ATOM   592 O O   . LEU A 1 71 ? -6.533  0.974   -9.389  1.00 109.30 ? 94  LEU A O   1 
ATOM   593 C CB  . LEU A 1 71 ? -8.163  1.234   -12.643 1.00 109.29 ? 94  LEU A CB  1 
ATOM   594 C CG  . LEU A 1 71 ? -9.477  2.007   -12.451 1.00 110.14 ? 94  LEU A CG  1 
ATOM   595 C CD1 . LEU A 1 71 ? -10.206 2.098   -13.784 1.00 89.84  ? 94  LEU A CD1 1 
ATOM   596 C CD2 . LEU A 1 71 ? -10.395 1.365   -11.420 1.00 97.62  ? 94  LEU A CD2 1 
HETATM 597 C C1  . EDO B 2 .  ? -1.041  -1.016  1.975   1.00 69.69  ? 201 EDO A C1  1 
HETATM 598 O O1  . EDO B 2 .  ? -0.628  -0.237  0.864   1.00 75.52  ? 201 EDO A O1  1 
HETATM 599 C C2  . EDO B 2 .  ? -1.255  -0.087  3.174   1.00 66.60  ? 201 EDO A C2  1 
HETATM 600 O O2  . EDO B 2 .  ? -0.566  -0.619  4.293   1.00 78.22  ? 201 EDO A O2  1 
HETATM 601 O O   . HOH C 3 .  ? -18.155 3.236   9.362   1.00 84.35  ? 301 HOH A O   1 
HETATM 602 O O   . HOH C 3 .  ? 38.199  7.632   4.210   1.00 68.05  ? 302 HOH A O   1 
HETATM 603 O O   . HOH C 3 .  ? 1.871   -1.562  3.291   1.00 72.34  ? 303 HOH A O   1 
HETATM 604 O O   . HOH C 3 .  ? 4.337   15.298  2.099   0.50 66.55  ? 304 HOH A O   1 
HETATM 605 O O   . HOH C 3 .  ? -20.436 -3.746  -1.001  1.00 49.54  ? 305 HOH A O   1 
HETATM 606 O O   . HOH C 3 .  ? 2.151   -10.051 -10.733 1.00 78.36  ? 306 HOH A O   1 
HETATM 607 O O   . HOH C 3 .  ? 1.903   3.021   -0.170  1.00 66.92  ? 307 HOH A O   1 
HETATM 608 O O   . HOH C 3 .  ? -16.542 -8.133  -1.446  0.50 50.58  ? 308 HOH A O   1 
HETATM 609 O O   . HOH C 3 .  ? 36.010  12.440  6.962   1.00 72.49  ? 309 HOH A O   1 
HETATM 610 O O   . HOH C 3 .  ? -0.448  10.382  -8.569  1.00 77.21  ? 310 HOH A O   1 
# 
